data_9VJE
#
_entry.id   9VJE
#
_cell.length_a   1.00
_cell.length_b   1.00
_cell.length_c   1.00
_cell.angle_alpha   90.00
_cell.angle_beta   90.00
_cell.angle_gamma   90.00
#
_symmetry.space_group_name_H-M   'P 1'
#
loop_
_entity.id
_entity.type
_entity.pdbx_description
1 polymer 'Guanine nucleotide-binding protein G(o) subunit alpha'
2 polymer 'Guanine nucleotide-binding protein G(I)/G(S)/G(T) subunit beta-1'
3 polymer 'Guanine nucleotide-binding protein G(I)/G(S)/G(O) subunit gamma-2'
4 polymer ScFv16
5 polymer 'Soluble cytochrome b562,5-hydroxytryptamine receptor 1A'
6 non-polymer Buspirone
7 non-polymer CHOLESTEROL
8 non-polymer '(2R)-1-(heptadecanoyloxy)-3-{[(R)-hydroxy{[(1R,2R,3R,4R,5S,6R)-2,3,5,6-tetrahydroxy-4-(phosphonooxy)cyclohexyl]oxy}phosphoryl]oxy}propan-2-yl (5Z,8Z,11Z,14Z)-icosa-5,8,11,14-tetraenoate'
#
loop_
_entity_poly.entity_id
_entity_poly.type
_entity_poly.pdbx_seq_one_letter_code
_entity_poly.pdbx_strand_id
1 'polypeptide(L)'
;MGSTLSAEERAALERSKAIEKNLKEDGISAAKDVKLLLLGAGESGKNTIVKQMKIIHEDGFSGEDVKQYKPVVYSNTIQS
LAAIVRAMDTLGIEYGDKERKADAKMVCDVVSRMEDTEPFSAELLSAMMRLWGDSGIQECFNRSREYQLNDSAKYYLDSL
DRIGAADYQPTEQDILRTRVKTTGIVETHFTFKNLHFRLFDVGAQRSERKKWIHCFEDVTAIIFCVALSGYDQVLHEDET
TNRMHASLKLFDSICNNKFFIDTSIILFLNKKDLFGEKIKKSPLTICFPEYTGPNTYEDAAAYIQAQFESKNRSPNKEIY
CHMTCSTDTNNIQVVFDAVTDIIIANNLRGCGLY
;
B
2 'polypeptide(L)'
;MHHHHHHLEVLFQGPGSSGSELDQLRQEAEQLKNQIRDARKACADATLSQITNNIDPVGRIQMRTRRTLRGHLAKIYAMH
WGTDSRLLVSASQDGKLIIWDSYTTNKVHAIPLRSSWVMTCAYAPSGNYVACGGLDNICSIYNLKTREGNVRVSRELAGH
TGYLSCCRFLDDNQIVTSSGDTTCALWDIETGQQTTTFTGHTGDVMSLSLAPDTRLFVSGACDASAKLWDVREGMCRQTF
TGHESDINAICFFPNGNAFATGSDDATCRLFDLRADQELMTYSHDNIICGITSVSFSKSGRLLLAGYDDFNCNVWDALKA
DRAGVLAGHDNRVSCLGVTDDGMAVATGSWDSFLKIWN
;
C
3 'polypeptide(L)' MASNNTASIAQARKLVEQLKMEANIDRIKVSKAAADLMAYCEAHAKEDPLLTPVPASENPFREKKFFCAIL D
4 'polypeptide(L)'
;DVQLVESGGGLVQPGGSRKLSCSASGFAFSSFGMHWVRQAPEKGLEWVAYISSGSGTIYYADTVKGRFTISRDDPKNTLF
LQMTSLRSEDTAMYYCVRSIYYYGSSPFDFWGQGTTLTVSSGGGGSGGGGSGGGGSDIVMTQATSSVPVTPGESVSISCR
SSKSLLHSNGNTYLYWFLQRPGQSPQLLIYRMSNLASGVPDRFSGSGSGTAFTLTISRLEAEDVGVYYCMQHLEYPLTFG
AGTKLELKAAA
;
E
5 'polypeptide(L)'
;DYKDDDDAKLQTMHHHHHHHHHHENLYFQGGTTMADLEDNWETLNDNLKVIEKADNAAQVKDALTKMRAAALDAQKATPP
KLEDKSPDSPEMKDFRHGFDILVGQIDDALKLANEGKVKEAQAAAEQLKTTRNAYIQKYLGSTLEVLFQGPTTGISDVTV
SYQVITSLLLGTLIFCAVLGNACVVAAIALERSLQNVANYLIGSLAVTDLMVSVLVLPMAALYQVLNKWTLGQVTCDLFI
ALDVLCCTSSIWHLCAIALDRYWAITDPIDYVNKRTPRRAAALISLTWLIGFLISIPPMLGWRTPEDRSDPDACTISKDH
GYTIYSTFGAFYIPLLLMLVLYGRIFRAARFRIRKTVKKVEKTGADTRHGASPAPQPKKSVNGESGSRNWRLGVESKAGG
ALCANGAVRQGDDGAALEVIEVHRVGNSKEHLPLPSEAGPTPCAPASFERKNERNAEAKRKMALARERKTVKTLGIIMGT
FILCWLPFFIVALVLPFCESSCHMPTLLGAIINWLGYSNSLLNPVIYAYFNKDFQNAFKKIIKCKFCRQ
;
R
#
loop_
_chem_comp.id
_chem_comp.type
_chem_comp.name
_chem_comp.formula
CLR non-polymer CHOLESTEROL 'C27 H46 O'
T7M non-polymer '(2R)-1-(heptadecanoyloxy)-3-{[(R)-hydroxy{[(1R,2R,3R,4R,5S,6R)-2,3,5,6-tetrahydroxy-4-(phosphonooxy)cyclohexyl]oxy}phosphoryl]oxy}propan-2-yl (5Z,8Z,11Z,14Z)-icosa-5,8,11,14-tetraenoate' 'C46 H82 O16 P2'
YLX non-polymer Buspirone 'C21 H31 N5 O2'
#
# COMPACT_ATOMS: atom_id res chain seq x y z
N LEU A 5 -1.33 27.24 3.30
CA LEU A 5 -2.44 26.39 3.74
C LEU A 5 -3.35 27.13 4.72
N SER A 6 -4.63 26.77 4.70
CA SER A 6 -5.55 27.27 5.72
C SER A 6 -5.23 26.63 7.06
N ALA A 7 -5.84 27.17 8.12
CA ALA A 7 -5.71 26.54 9.42
C ALA A 7 -6.33 25.15 9.40
N GLU A 8 -7.51 25.02 8.79
CA GLU A 8 -8.13 23.71 8.64
C GLU A 8 -7.34 22.81 7.70
N GLU A 9 -6.78 23.38 6.63
CA GLU A 9 -5.90 22.60 5.77
C GLU A 9 -4.66 22.13 6.53
N ARG A 10 -4.10 22.99 7.37
CA ARG A 10 -2.93 22.60 8.16
C ARG A 10 -3.28 21.47 9.13
N ALA A 11 -4.44 21.55 9.77
CA ALA A 11 -4.84 20.48 10.69
C ALA A 11 -5.19 19.20 9.95
N ALA A 12 -5.77 19.30 8.75
CA ALA A 12 -6.01 18.11 7.93
C ALA A 12 -4.71 17.46 7.49
N LEU A 13 -3.71 18.28 7.14
CA LEU A 13 -2.39 17.75 6.82
C LEU A 13 -1.76 17.10 8.03
N GLU A 14 -1.93 17.68 9.22
CA GLU A 14 -1.43 17.08 10.45
C GLU A 14 -2.08 15.72 10.69
N ARG A 15 -3.39 15.63 10.47
CA ARG A 15 -4.09 14.36 10.62
C ARG A 15 -3.58 13.34 9.61
N SER A 16 -3.36 13.77 8.38
CA SER A 16 -2.81 12.88 7.36
C SER A 16 -1.44 12.36 7.76
N LYS A 17 -0.61 13.23 8.35
CA LYS A 17 0.72 12.81 8.78
C LYS A 17 0.66 11.84 9.95
N ALA A 18 -0.26 12.06 10.89
CA ALA A 18 -0.46 11.11 11.97
C ALA A 18 -0.93 9.76 11.43
N ILE A 19 -1.81 9.80 10.44
CA ILE A 19 -2.27 8.56 9.79
C ILE A 19 -1.10 7.85 9.13
N GLU A 20 -0.25 8.60 8.43
CA GLU A 20 0.90 8.00 7.77
C GLU A 20 1.85 7.37 8.79
N LYS A 21 2.03 8.01 9.93
CA LYS A 21 2.88 7.45 10.97
C LYS A 21 2.31 6.14 11.51
N ASN A 22 0.99 6.10 11.74
CA ASN A 22 0.36 4.87 12.19
C ASN A 22 0.46 3.77 11.14
N LEU A 23 0.30 4.13 9.86
CA LEU A 23 0.43 3.15 8.79
C LEU A 23 1.84 2.59 8.74
N LYS A 24 2.85 3.46 8.89
CA LYS A 24 4.23 3.01 8.89
C LYS A 24 4.50 2.08 10.07
N GLU A 25 4.01 2.43 11.25
CA GLU A 25 4.20 1.57 12.42
C GLU A 25 3.52 0.21 12.21
N ASP A 26 2.30 0.20 11.67
CA ASP A 26 1.61 -1.05 11.44
C ASP A 26 2.32 -1.90 10.40
N GLY A 27 2.84 -1.28 9.35
CA GLY A 27 3.58 -2.03 8.36
C GLY A 27 4.88 -2.60 8.90
N ILE A 28 5.56 -1.84 9.76
CA ILE A 28 6.76 -2.36 10.41
C ILE A 28 6.41 -3.56 11.28
N SER A 29 5.30 -3.48 12.01
CA SER A 29 4.87 -4.62 12.82
C SER A 29 4.51 -5.81 11.94
N ALA A 30 3.86 -5.57 10.80
CA ALA A 30 3.40 -6.64 9.94
C ALA A 30 4.53 -7.31 9.17
N ALA A 31 5.60 -6.57 8.86
CA ALA A 31 6.72 -7.15 8.12
C ALA A 31 7.46 -8.22 8.90
N LYS A 32 7.24 -8.29 10.21
CA LYS A 32 7.86 -9.31 11.04
C LYS A 32 7.06 -10.59 11.10
N ASP A 33 5.95 -10.67 10.37
CA ASP A 33 5.11 -11.85 10.38
C ASP A 33 5.63 -12.87 9.38
N VAL A 34 5.64 -14.13 9.80
CA VAL A 34 5.92 -15.23 8.89
C VAL A 34 4.58 -15.73 8.37
N LYS A 35 4.27 -15.43 7.12
CA LYS A 35 2.98 -15.76 6.53
C LYS A 35 3.05 -17.13 5.89
N LEU A 36 2.14 -18.01 6.30
CA LEU A 36 2.09 -19.38 5.80
C LEU A 36 0.72 -19.64 5.21
N LEU A 37 0.69 -20.11 3.97
CA LEU A 37 -0.53 -20.53 3.31
C LEU A 37 -0.72 -22.02 3.55
N LEU A 38 -1.77 -22.38 4.31
CA LEU A 38 -2.08 -23.76 4.58
C LEU A 38 -2.97 -24.31 3.47
N LEU A 39 -2.57 -25.43 2.88
CA LEU A 39 -3.29 -26.05 1.79
C LEU A 39 -3.45 -27.54 2.04
N GLY A 40 -4.33 -28.15 1.26
CA GLY A 40 -4.69 -29.53 1.46
C GLY A 40 -6.02 -29.80 0.81
N ALA A 41 -6.51 -31.02 1.02
CA ALA A 41 -7.72 -31.49 0.35
C ALA A 41 -8.60 -32.23 1.34
N GLY A 42 -9.52 -31.50 1.97
CA GLY A 42 -10.56 -32.10 2.79
C GLY A 42 -10.04 -32.93 3.95
N GLU A 43 -10.17 -34.24 3.85
CA GLU A 43 -9.84 -35.21 4.89
C GLU A 43 -8.36 -35.32 5.17
N SER A 44 -7.49 -34.47 4.65
CA SER A 44 -6.10 -34.46 5.07
C SER A 44 -5.99 -33.91 6.49
N GLY A 45 -4.77 -33.80 6.98
CA GLY A 45 -4.57 -33.34 8.34
C GLY A 45 -4.43 -31.83 8.46
N LYS A 46 -5.11 -31.07 7.61
CA LYS A 46 -5.06 -29.61 7.73
C LYS A 46 -5.51 -29.16 9.11
N ASN A 47 -6.70 -29.60 9.52
CA ASN A 47 -7.24 -29.22 10.83
C ASN A 47 -6.37 -29.76 11.95
N THR A 48 -5.81 -30.96 11.77
CA THR A 48 -4.95 -31.53 12.80
C THR A 48 -3.73 -30.66 13.04
N ILE A 49 -3.05 -30.23 11.97
CA ILE A 49 -1.87 -29.41 12.21
C ILE A 49 -2.25 -27.99 12.60
N VAL A 50 -3.44 -27.50 12.25
CA VAL A 50 -3.87 -26.21 12.78
C VAL A 50 -4.04 -26.31 14.29
N LYS A 51 -4.67 -27.39 14.77
CA LYS A 51 -4.77 -27.62 16.20
C LYS A 51 -3.40 -27.77 16.84
N GLN A 52 -2.44 -28.36 16.12
CA GLN A 52 -1.10 -28.53 16.65
C GLN A 52 -0.35 -27.20 16.72
N MET A 53 -0.54 -26.34 15.71
CA MET A 53 0.04 -24.99 15.77
C MET A 53 -0.55 -24.20 16.93
N LYS A 54 -1.87 -24.31 17.12
CA LYS A 54 -2.50 -23.63 18.25
C LYS A 54 -2.03 -24.19 19.57
N THR A 183 -17.52 -17.91 7.93
CA THR A 183 -16.14 -17.50 7.73
C THR A 183 -15.56 -18.11 6.46
N GLY A 184 -14.67 -17.38 5.80
CA GLY A 184 -14.11 -17.85 4.55
C GLY A 184 -12.62 -18.12 4.61
N ILE A 185 -11.89 -17.35 5.40
CA ILE A 185 -10.47 -17.56 5.62
C ILE A 185 -10.21 -17.59 7.11
N VAL A 186 -9.46 -18.59 7.56
CA VAL A 186 -9.13 -18.76 8.97
C VAL A 186 -7.66 -18.44 9.16
N GLU A 187 -7.37 -17.51 10.06
CA GLU A 187 -6.01 -17.09 10.35
C GLU A 187 -5.59 -17.69 11.68
N THR A 188 -4.51 -18.45 11.67
CA THR A 188 -3.91 -18.98 12.88
C THR A 188 -2.65 -18.18 13.18
N HIS A 189 -2.62 -17.54 14.35
CA HIS A 189 -1.50 -16.72 14.78
C HIS A 189 -0.82 -17.41 15.94
N PHE A 190 0.45 -17.75 15.75
CA PHE A 190 1.23 -18.40 16.80
C PHE A 190 2.66 -17.87 16.77
N THR A 191 3.28 -17.84 17.94
CA THR A 191 4.66 -17.40 18.09
C THR A 191 5.47 -18.58 18.60
N PHE A 192 6.54 -18.92 17.88
CA PHE A 192 7.41 -20.04 18.24
C PHE A 192 8.85 -19.59 18.14
N LYS A 193 9.56 -19.59 19.27
CA LYS A 193 10.96 -19.20 19.34
C LYS A 193 11.17 -17.78 18.78
N ASN A 194 10.35 -16.86 19.26
CA ASN A 194 10.41 -15.43 18.96
C ASN A 194 10.06 -15.11 17.51
N LEU A 195 9.50 -16.07 16.78
CA LEU A 195 9.07 -15.86 15.41
C LEU A 195 7.55 -15.99 15.37
N HIS A 196 6.88 -14.98 14.84
CA HIS A 196 5.42 -14.94 14.82
C HIS A 196 4.93 -15.39 13.45
N PHE A 197 4.11 -16.43 13.43
CA PHE A 197 3.61 -17.04 12.21
C PHE A 197 2.14 -16.68 12.03
N ARG A 198 1.76 -16.30 10.83
CA ARG A 198 0.37 -16.12 10.43
C ARG A 198 0.02 -17.24 9.47
N LEU A 199 -0.76 -18.22 9.95
CA LEU A 199 -1.13 -19.39 9.17
C LEU A 199 -2.51 -19.15 8.57
N PHE A 200 -2.58 -19.08 7.25
CA PHE A 200 -3.80 -18.75 6.53
C PHE A 200 -4.45 -20.03 6.02
N ASP A 201 -5.61 -20.36 6.57
CA ASP A 201 -6.36 -21.54 6.16
C ASP A 201 -7.48 -21.11 5.23
N VAL A 202 -7.47 -21.67 4.02
CA VAL A 202 -8.42 -21.30 2.97
C VAL A 202 -9.30 -22.49 2.59
N GLY A 203 -9.44 -23.47 3.48
CA GLY A 203 -10.21 -24.66 3.15
C GLY A 203 -11.66 -24.37 2.88
N ALA A 204 -12.26 -23.48 3.66
CA ALA A 204 -13.67 -23.12 3.47
C ALA A 204 -13.90 -22.28 2.24
N GLN A 205 -12.90 -22.02 1.41
CA GLN A 205 -13.08 -21.29 0.15
C GLN A 205 -13.25 -22.32 -0.96
N ARG A 206 -14.48 -22.77 -1.14
CA ARG A 206 -14.81 -23.76 -2.16
C ARG A 206 -15.04 -23.09 -3.51
N SER A 207 -14.08 -22.27 -3.92
CA SER A 207 -14.20 -21.39 -5.07
C SER A 207 -13.10 -21.74 -6.08
N GLU A 208 -12.99 -20.91 -7.12
CA GLU A 208 -11.86 -21.02 -8.04
C GLU A 208 -10.62 -20.50 -7.33
N ARG A 209 -9.69 -21.41 -7.04
CA ARG A 209 -8.54 -21.06 -6.22
C ARG A 209 -7.65 -20.02 -6.90
N LYS A 210 -7.48 -20.14 -8.22
CA LYS A 210 -6.59 -19.22 -8.93
C LYS A 210 -7.02 -17.77 -8.80
N LYS A 211 -8.29 -17.52 -8.48
CA LYS A 211 -8.78 -16.15 -8.39
C LYS A 211 -8.35 -15.45 -7.11
N TRP A 212 -7.93 -16.20 -6.09
CA TRP A 212 -7.46 -15.61 -4.85
C TRP A 212 -6.12 -16.19 -4.40
N ILE A 213 -5.51 -17.07 -5.19
CA ILE A 213 -4.26 -17.68 -4.75
C ILE A 213 -3.13 -16.66 -4.77
N HIS A 214 -3.22 -15.64 -5.64
CA HIS A 214 -2.23 -14.58 -5.68
C HIS A 214 -2.27 -13.69 -4.45
N CYS A 215 -3.34 -13.76 -3.65
CA CYS A 215 -3.39 -13.02 -2.41
C CYS A 215 -2.33 -13.47 -1.43
N PHE A 216 -1.82 -14.69 -1.59
CA PHE A 216 -0.78 -15.24 -0.74
C PHE A 216 0.54 -15.41 -1.49
N GLU A 217 0.74 -14.62 -2.53
CA GLU A 217 1.95 -14.68 -3.32
C GLU A 217 3.21 -14.45 -2.49
N ASP A 218 3.09 -13.75 -1.37
CA ASP A 218 4.23 -13.34 -0.56
C ASP A 218 4.38 -14.13 0.72
N VAL A 219 3.79 -15.33 0.81
CA VAL A 219 3.96 -16.15 2.00
C VAL A 219 5.38 -16.68 2.05
N THR A 220 5.89 -16.86 3.27
CA THR A 220 7.20 -17.49 3.44
C THR A 220 7.19 -18.91 2.91
N ALA A 221 6.12 -19.66 3.19
CA ALA A 221 6.04 -21.05 2.80
C ALA A 221 4.58 -21.46 2.69
N ILE A 222 4.33 -22.42 1.84
CA ILE A 222 3.05 -23.11 1.80
C ILE A 222 3.16 -24.35 2.67
N ILE A 223 2.22 -24.52 3.59
CA ILE A 223 2.12 -25.74 4.38
C ILE A 223 1.07 -26.61 3.72
N PHE A 224 1.50 -27.67 3.06
CA PHE A 224 0.61 -28.54 2.31
C PHE A 224 0.40 -29.83 3.09
N CYS A 225 -0.86 -30.21 3.25
CA CYS A 225 -1.23 -31.41 4.00
C CYS A 225 -1.67 -32.50 3.05
N VAL A 226 -1.09 -33.68 3.21
CA VAL A 226 -1.47 -34.87 2.46
C VAL A 226 -1.79 -35.96 3.47
N ALA A 227 -2.93 -36.62 3.29
CA ALA A 227 -3.25 -37.80 4.09
C ALA A 227 -2.51 -38.98 3.50
N LEU A 228 -1.56 -39.54 4.26
CA LEU A 228 -0.88 -40.75 3.83
C LEU A 228 -1.87 -41.89 3.66
N SER A 229 -2.78 -42.04 4.62
CA SER A 229 -3.85 -43.04 4.54
C SER A 229 -4.98 -42.52 3.65
N GLY A 230 -4.62 -42.21 2.42
CA GLY A 230 -5.57 -41.76 1.42
C GLY A 230 -5.26 -42.36 0.07
N TYR A 231 -4.24 -43.22 0.03
CA TYR A 231 -3.93 -43.93 -1.21
C TYR A 231 -4.98 -45.00 -1.50
N ASP A 232 -5.48 -45.67 -0.46
CA ASP A 232 -6.49 -46.70 -0.59
C ASP A 232 -7.91 -46.16 -0.51
N GLN A 233 -8.07 -44.85 -0.38
CA GLN A 233 -9.37 -44.22 -0.31
C GLN A 233 -9.65 -43.49 -1.62
N VAL A 234 -10.93 -43.21 -1.86
CA VAL A 234 -11.35 -42.51 -3.07
C VAL A 234 -12.39 -41.46 -2.68
N LEU A 235 -12.21 -40.25 -3.22
CA LEU A 235 -13.16 -39.15 -3.07
C LEU A 235 -12.65 -37.91 -3.80
N ASN A 242 -9.55 -41.08 -6.72
CA ASN A 242 -8.57 -41.45 -5.71
C ASN A 242 -8.13 -40.23 -4.90
N ARG A 243 -8.13 -40.38 -3.57
CA ARG A 243 -7.78 -39.26 -2.70
C ARG A 243 -6.33 -38.85 -2.89
N MET A 244 -5.42 -39.81 -2.95
CA MET A 244 -4.01 -39.47 -3.06
C MET A 244 -3.69 -38.87 -4.43
N HIS A 245 -4.34 -39.33 -5.49
CA HIS A 245 -4.15 -38.66 -6.78
C HIS A 245 -4.70 -37.24 -6.77
N ALA A 246 -5.82 -37.03 -6.07
CA ALA A 246 -6.36 -35.67 -5.96
C ALA A 246 -5.39 -34.75 -5.24
N SER A 247 -4.86 -35.22 -4.11
CA SER A 247 -3.86 -34.44 -3.38
C SER A 247 -2.59 -34.25 -4.20
N LEU A 248 -2.23 -35.26 -5.00
CA LEU A 248 -1.02 -35.17 -5.81
C LEU A 248 -1.17 -34.11 -6.91
N LYS A 249 -2.34 -34.09 -7.57
CA LYS A 249 -2.60 -33.08 -8.58
C LYS A 249 -2.69 -31.69 -7.96
N LEU A 250 -3.30 -31.59 -6.77
CA LEU A 250 -3.34 -30.30 -6.08
C LEU A 250 -1.94 -29.82 -5.74
N PHE A 251 -1.08 -30.73 -5.26
CA PHE A 251 0.30 -30.37 -4.96
C PHE A 251 1.04 -29.93 -6.20
N ASP A 252 0.82 -30.61 -7.33
CA ASP A 252 1.42 -30.20 -8.59
C ASP A 252 1.00 -28.79 -8.98
N SER A 253 -0.31 -28.51 -8.90
CA SER A 253 -0.82 -27.21 -9.28
C SER A 253 -0.27 -26.12 -8.39
N ILE A 254 -0.14 -26.38 -7.09
CA ILE A 254 0.40 -25.38 -6.17
C ILE A 254 1.90 -25.20 -6.40
N CYS A 255 2.63 -26.29 -6.62
CA CYS A 255 4.07 -26.19 -6.86
C CYS A 255 4.37 -25.36 -8.09
N ASN A 256 3.65 -25.62 -9.18
CA ASN A 256 3.97 -25.02 -10.46
C ASN A 256 3.11 -23.81 -10.77
N ASN A 257 2.35 -23.33 -9.79
CA ASN A 257 1.63 -22.07 -9.93
C ASN A 257 2.61 -20.92 -10.11
N LYS A 258 2.25 -19.97 -10.98
CA LYS A 258 3.16 -18.88 -11.30
C LYS A 258 3.42 -17.97 -10.11
N PHE A 259 2.45 -17.85 -9.19
CA PHE A 259 2.64 -17.04 -8.00
C PHE A 259 3.47 -17.74 -6.93
N PHE A 260 3.77 -19.03 -7.11
CA PHE A 260 4.48 -19.81 -6.11
C PHE A 260 5.70 -20.51 -6.72
N ILE A 261 6.30 -19.91 -7.74
CA ILE A 261 7.44 -20.56 -8.40
C ILE A 261 8.62 -20.66 -7.45
N ASP A 262 8.82 -19.69 -6.57
CA ASP A 262 9.96 -19.67 -5.66
C ASP A 262 9.52 -19.81 -4.21
N THR A 263 8.28 -20.22 -3.96
CA THR A 263 7.76 -20.37 -2.61
C THR A 263 7.98 -21.80 -2.14
N SER A 264 8.78 -21.96 -1.10
CA SER A 264 9.05 -23.28 -0.58
C SER A 264 7.80 -23.85 0.10
N ILE A 265 7.77 -25.18 0.22
CA ILE A 265 6.58 -25.89 0.69
C ILE A 265 6.97 -26.79 1.84
N ILE A 266 6.28 -26.66 2.97
CA ILE A 266 6.44 -27.56 4.10
C ILE A 266 5.38 -28.66 3.92
N LEU A 267 5.80 -29.80 3.38
CA LEU A 267 4.89 -30.88 3.07
C LEU A 267 4.67 -31.74 4.31
N PHE A 268 3.42 -31.89 4.70
CA PHE A 268 3.06 -32.76 5.81
C PHE A 268 2.34 -33.99 5.27
N LEU A 269 2.83 -35.16 5.62
CA LEU A 269 2.21 -36.42 5.26
C LEU A 269 1.51 -36.95 6.50
N ASN A 270 0.23 -36.60 6.63
CA ASN A 270 -0.50 -36.84 7.86
C ASN A 270 -1.01 -38.26 7.94
N LYS A 271 -1.39 -38.66 9.17
CA LYS A 271 -1.92 -39.98 9.46
C LYS A 271 -0.97 -41.08 8.99
N LYS A 272 0.29 -40.96 9.43
CA LYS A 272 1.26 -41.99 9.10
C LYS A 272 0.99 -43.29 9.84
N ASP A 273 0.37 -43.22 11.02
CA ASP A 273 -0.01 -44.43 11.73
C ASP A 273 -1.16 -45.14 11.03
N LEU A 274 -2.16 -44.38 10.59
CA LEU A 274 -3.24 -44.97 9.80
C LEU A 274 -2.70 -45.55 8.50
N PHE A 275 -1.73 -44.86 7.89
CA PHE A 275 -1.11 -45.38 6.68
C PHE A 275 -0.36 -46.68 6.96
N GLY A 276 0.34 -46.76 8.09
CA GLY A 276 1.04 -47.98 8.43
C GLY A 276 0.10 -49.13 8.70
N GLU A 277 -1.06 -48.85 9.31
CA GLU A 277 -2.04 -49.89 9.54
C GLU A 277 -2.70 -50.33 8.24
N LYS A 278 -2.91 -49.40 7.30
CA LYS A 278 -3.55 -49.73 6.03
C LYS A 278 -2.58 -50.31 5.01
N ILE A 279 -1.28 -50.17 5.23
CA ILE A 279 -0.30 -50.60 4.23
C ILE A 279 0.11 -52.06 4.42
N LYS A 280 -0.05 -52.61 5.63
CA LYS A 280 0.20 -54.03 5.83
C LYS A 280 -0.93 -54.88 5.24
N LYS A 281 -2.14 -54.33 5.17
CA LYS A 281 -3.27 -55.04 4.58
C LYS A 281 -3.41 -54.72 3.10
N SER A 282 -3.59 -53.44 2.77
CA SER A 282 -3.74 -53.06 1.38
C SER A 282 -2.42 -52.56 0.81
N PRO A 283 -2.04 -53.01 -0.38
CA PRO A 283 -0.78 -52.56 -0.98
C PRO A 283 -0.91 -51.18 -1.60
N LEU A 284 0.25 -50.56 -1.85
CA LEU A 284 0.28 -49.28 -2.54
C LEU A 284 0.23 -49.52 -4.04
N THR A 285 -0.76 -50.29 -4.49
CA THR A 285 -0.99 -50.54 -5.91
C THR A 285 -2.27 -49.93 -6.42
N ILE A 286 -3.27 -49.74 -5.56
CA ILE A 286 -4.49 -49.05 -5.97
C ILE A 286 -4.17 -47.62 -6.38
N CYS A 287 -3.32 -46.94 -5.62
CA CYS A 287 -2.92 -45.59 -5.97
C CYS A 287 -1.88 -45.60 -7.09
N PHE A 288 -0.74 -46.24 -6.84
CA PHE A 288 0.35 -46.25 -7.80
C PHE A 288 0.54 -47.65 -8.37
N PRO A 289 0.16 -47.90 -9.64
CA PRO A 289 0.39 -49.21 -10.23
C PRO A 289 1.84 -49.45 -10.60
N GLU A 290 2.51 -48.39 -11.05
CA GLU A 290 3.92 -48.46 -11.43
C GLU A 290 4.86 -48.38 -10.23
N TYR A 291 4.33 -48.59 -9.03
CA TYR A 291 5.14 -48.62 -7.82
C TYR A 291 6.26 -49.64 -7.94
N THR A 292 5.91 -50.92 -8.07
CA THR A 292 6.87 -52.02 -8.19
C THR A 292 7.88 -52.00 -7.04
N GLY A 293 7.38 -51.75 -5.83
CA GLY A 293 8.24 -51.67 -4.67
C GLY A 293 7.72 -52.48 -3.51
N PRO A 294 8.49 -52.51 -2.43
CA PRO A 294 8.06 -53.28 -1.24
C PRO A 294 6.80 -52.69 -0.63
N ASN A 295 6.01 -53.56 0.00
CA ASN A 295 4.77 -53.17 0.65
C ASN A 295 4.97 -52.82 2.12
N THR A 296 6.16 -52.41 2.52
CA THR A 296 6.41 -52.02 3.89
C THR A 296 6.12 -50.53 4.08
N TYR A 297 5.89 -50.16 5.35
CA TYR A 297 5.50 -48.79 5.67
C TYR A 297 6.57 -47.80 5.24
N GLU A 298 7.84 -48.08 5.56
CA GLU A 298 8.92 -47.14 5.27
C GLU A 298 9.05 -46.90 3.78
N ASP A 299 9.11 -47.98 2.99
CA ASP A 299 9.31 -47.83 1.55
C ASP A 299 8.09 -47.21 0.88
N ALA A 300 6.88 -47.58 1.32
CA ALA A 300 5.69 -47.00 0.71
C ALA A 300 5.58 -45.51 1.02
N ALA A 301 5.85 -45.13 2.27
CA ALA A 301 5.81 -43.70 2.62
C ALA A 301 6.88 -42.93 1.88
N ALA A 302 8.08 -43.50 1.76
CA ALA A 302 9.14 -42.83 1.01
C ALA A 302 8.79 -42.69 -0.47
N TYR A 303 8.12 -43.70 -1.04
CA TYR A 303 7.68 -43.60 -2.41
C TYR A 303 6.64 -42.50 -2.60
N ILE A 304 5.70 -42.39 -1.65
CA ILE A 304 4.71 -41.33 -1.72
C ILE A 304 5.40 -39.96 -1.62
N GLN A 305 6.34 -39.82 -0.68
CA GLN A 305 7.04 -38.56 -0.54
C GLN A 305 7.85 -38.22 -1.80
N ALA A 306 8.47 -39.23 -2.41
CA ALA A 306 9.21 -38.99 -3.65
C ALA A 306 8.28 -38.57 -4.78
N GLN A 307 7.11 -39.22 -4.89
CA GLN A 307 6.16 -38.82 -5.90
C GLN A 307 5.67 -37.40 -5.69
N PHE A 308 5.57 -36.98 -4.43
CA PHE A 308 5.15 -35.61 -4.15
C PHE A 308 6.26 -34.60 -4.42
N GLU A 309 7.51 -34.96 -4.13
CA GLU A 309 8.62 -34.07 -4.42
C GLU A 309 8.98 -34.03 -5.90
N SER A 310 8.53 -35.01 -6.68
CA SER A 310 8.92 -35.08 -8.08
C SER A 310 8.37 -33.93 -8.92
N LYS A 311 7.34 -33.23 -8.44
CA LYS A 311 6.68 -32.19 -9.22
C LYS A 311 7.16 -30.79 -8.89
N ASN A 312 8.25 -30.66 -8.13
CA ASN A 312 8.81 -29.36 -7.82
C ASN A 312 9.16 -28.63 -9.10
N ARG A 313 10.11 -29.19 -9.87
CA ARG A 313 10.56 -28.60 -11.13
C ARG A 313 11.04 -27.17 -10.94
N SER A 314 11.69 -26.90 -9.80
CA SER A 314 12.18 -25.57 -9.53
C SER A 314 13.41 -25.67 -8.64
N PRO A 315 14.50 -24.97 -8.99
CA PRO A 315 15.68 -25.00 -8.14
C PRO A 315 15.63 -24.00 -7.00
N ASN A 316 14.80 -22.97 -7.12
CA ASN A 316 14.75 -21.91 -6.12
C ASN A 316 14.05 -22.39 -4.86
N LYS A 317 12.94 -23.10 -5.00
CA LYS A 317 12.10 -23.52 -3.90
C LYS A 317 12.42 -24.94 -3.47
N GLU A 318 12.22 -25.21 -2.19
CA GLU A 318 12.43 -26.52 -1.60
C GLU A 318 11.10 -27.06 -1.11
N ILE A 319 11.00 -28.38 -1.02
CA ILE A 319 9.85 -29.05 -0.42
C ILE A 319 10.33 -29.76 0.82
N TYR A 320 9.84 -29.34 1.98
CA TYR A 320 10.21 -29.91 3.27
C TYR A 320 9.12 -30.90 3.68
N CYS A 321 9.44 -32.18 3.63
CA CYS A 321 8.46 -33.23 3.89
C CYS A 321 8.62 -33.77 5.30
N HIS A 322 7.49 -34.02 5.95
CA HIS A 322 7.49 -34.57 7.30
C HIS A 322 6.38 -35.61 7.42
N MET A 323 6.59 -36.58 8.29
CA MET A 323 5.62 -37.63 8.57
C MET A 323 4.95 -37.32 9.91
N THR A 324 3.64 -37.23 9.91
CA THR A 324 2.88 -36.89 11.10
C THR A 324 1.81 -37.94 11.36
N CYS A 325 1.36 -38.01 12.60
CA CYS A 325 0.38 -39.02 13.00
C CYS A 325 -0.75 -38.48 13.85
N SER A 326 -0.86 -37.15 14.01
CA SER A 326 -1.93 -36.47 14.76
C SER A 326 -1.75 -36.65 16.26
N THR A 327 -0.79 -37.48 16.66
CA THR A 327 -0.42 -37.60 18.07
C THR A 327 0.90 -36.90 18.38
N ASP A 328 1.69 -36.58 17.35
CA ASP A 328 2.98 -35.94 17.55
C ASP A 328 2.77 -34.45 17.84
N THR A 329 3.66 -33.90 18.67
CA THR A 329 3.59 -32.49 19.07
C THR A 329 4.81 -31.72 18.60
N ASN A 330 5.48 -32.17 17.54
CA ASN A 330 6.69 -31.51 17.05
C ASN A 330 6.50 -30.87 15.67
N ASN A 331 5.26 -30.76 15.20
CA ASN A 331 5.02 -30.17 13.89
C ASN A 331 5.17 -28.66 13.90
N ILE A 332 4.96 -28.03 15.06
CA ILE A 332 5.34 -26.64 15.22
C ILE A 332 6.84 -26.47 15.05
N GLN A 333 7.63 -27.39 15.61
CA GLN A 333 9.07 -27.34 15.43
C GLN A 333 9.45 -27.61 13.97
N VAL A 334 8.73 -28.53 13.32
CA VAL A 334 9.02 -28.82 11.92
C VAL A 334 8.78 -27.58 11.05
N VAL A 335 7.66 -26.90 11.29
CA VAL A 335 7.35 -25.69 10.54
C VAL A 335 8.41 -24.62 10.82
N PHE A 336 8.78 -24.45 12.09
CA PHE A 336 9.78 -23.44 12.45
C PHE A 336 11.13 -23.73 11.80
N ASP A 337 11.57 -24.99 11.84
CA ASP A 337 12.84 -25.37 11.23
C ASP A 337 12.81 -25.15 9.73
N ALA A 338 11.71 -25.53 9.08
CA ALA A 338 11.62 -25.34 7.64
C ALA A 338 11.61 -23.86 7.29
N VAL A 339 10.95 -23.04 8.11
CA VAL A 339 10.88 -21.60 7.85
C VAL A 339 12.25 -20.96 8.03
N THR A 340 12.99 -21.38 9.05
CA THR A 340 14.35 -20.88 9.23
C THR A 340 15.24 -21.31 8.08
N ASP A 341 15.08 -22.54 7.59
CA ASP A 341 15.84 -22.97 6.43
C ASP A 341 15.47 -22.16 5.19
N ILE A 342 14.19 -21.81 5.04
CA ILE A 342 13.76 -21.00 3.90
C ILE A 342 14.39 -19.62 3.98
N ILE A 343 14.37 -19.01 5.17
CA ILE A 343 14.95 -17.68 5.34
C ILE A 343 16.45 -17.71 5.07
N ILE A 344 17.13 -18.72 5.62
CA ILE A 344 18.57 -18.84 5.41
C ILE A 344 18.88 -19.04 3.94
N ALA A 345 18.12 -19.89 3.25
CA ALA A 345 18.35 -20.12 1.83
C ALA A 345 18.11 -18.87 1.01
N ASN A 346 17.06 -18.10 1.34
CA ASN A 346 16.80 -16.85 0.64
C ASN A 346 17.94 -15.85 0.87
N ASN A 347 18.43 -15.78 2.11
CA ASN A 347 19.52 -14.86 2.40
C ASN A 347 20.79 -15.26 1.68
N LEU A 348 21.08 -16.56 1.62
CA LEU A 348 22.21 -17.03 0.83
C LEU A 348 22.02 -16.71 -0.65
N ARG A 349 20.80 -16.87 -1.15
CA ARG A 349 20.49 -16.56 -2.53
C ARG A 349 20.74 -15.09 -2.83
N GLY A 350 20.45 -14.21 -1.88
CA GLY A 350 20.73 -12.80 -2.07
C GLY A 350 22.22 -12.51 -2.22
N CYS A 351 23.04 -13.15 -1.39
CA CYS A 351 24.48 -12.94 -1.42
C CYS A 351 25.16 -13.63 -2.59
N GLY A 352 24.46 -14.48 -3.33
CA GLY A 352 25.07 -15.26 -4.37
C GLY A 352 25.67 -16.56 -3.93
N LEU A 353 25.25 -17.07 -2.76
CA LEU A 353 25.78 -18.29 -2.19
C LEU A 353 24.78 -19.44 -2.20
N TYR A 354 23.84 -19.40 -3.14
CA TYR A 354 22.79 -20.40 -3.22
C TYR A 354 22.10 -20.32 -4.57
N LEU B 25 -34.15 -32.28 -21.44
CA LEU B 25 -34.22 -30.84 -21.22
C LEU B 25 -32.94 -30.15 -21.69
N ARG B 26 -31.85 -30.92 -21.74
CA ARG B 26 -30.60 -30.38 -22.28
C ARG B 26 -30.76 -30.03 -23.76
N GLN B 27 -31.51 -30.84 -24.50
CA GLN B 27 -31.80 -30.52 -25.90
C GLN B 27 -32.59 -29.23 -26.01
N GLU B 28 -33.58 -29.03 -25.12
CA GLU B 28 -34.34 -27.79 -25.12
C GLU B 28 -33.44 -26.59 -24.80
N ALA B 29 -32.51 -26.77 -23.85
CA ALA B 29 -31.58 -25.69 -23.53
C ALA B 29 -30.69 -25.37 -24.72
N GLU B 30 -30.20 -26.39 -25.42
CA GLU B 30 -29.37 -26.15 -26.60
C GLU B 30 -30.15 -25.44 -27.70
N GLN B 31 -31.41 -25.85 -27.91
CA GLN B 31 -32.24 -25.20 -28.90
C GLN B 31 -32.50 -23.75 -28.54
N LEU B 32 -32.76 -23.47 -27.26
CA LEU B 32 -32.99 -22.10 -26.84
C LEU B 32 -31.74 -21.25 -26.99
N LYS B 33 -30.56 -21.81 -26.68
CA LYS B 33 -29.32 -21.07 -26.87
C LYS B 33 -29.08 -20.78 -28.35
N ASN B 34 -29.36 -21.77 -29.22
CA ASN B 34 -29.22 -21.54 -30.65
C ASN B 34 -30.18 -20.46 -31.13
N GLN B 35 -31.41 -20.47 -30.60
CA GLN B 35 -32.36 -19.42 -30.95
C GLN B 35 -31.88 -18.05 -30.50
N ILE B 36 -31.30 -17.97 -29.29
CA ILE B 36 -30.81 -16.70 -28.77
C ILE B 36 -29.66 -16.17 -29.63
N ARG B 37 -28.72 -17.05 -29.99
CA ARG B 37 -27.60 -16.59 -30.81
C ARG B 37 -28.07 -16.22 -32.22
N ASP B 38 -29.07 -16.92 -32.75
CA ASP B 38 -29.61 -16.54 -34.06
C ASP B 38 -30.34 -15.19 -33.99
N ALA B 39 -31.03 -14.93 -32.88
CA ALA B 39 -31.68 -13.63 -32.71
C ALA B 39 -30.66 -12.52 -32.56
N ARG B 40 -29.55 -12.79 -31.87
CA ARG B 40 -28.47 -11.81 -31.80
C ARG B 40 -27.85 -11.57 -33.17
N LYS B 41 -27.63 -12.63 -33.94
CA LYS B 41 -27.05 -12.50 -35.27
C LYS B 41 -27.98 -11.72 -36.20
N ALA B 42 -29.29 -11.94 -36.07
CA ALA B 42 -30.25 -11.24 -36.92
C ALA B 42 -30.17 -9.73 -36.70
N CYS B 43 -30.04 -9.31 -35.46
CA CYS B 43 -29.93 -7.89 -35.14
C CYS B 43 -28.56 -7.31 -35.45
N ALA B 44 -27.55 -8.15 -35.67
CA ALA B 44 -26.19 -7.69 -35.98
C ALA B 44 -26.12 -7.28 -37.45
N ASP B 45 -26.74 -6.14 -37.75
CA ASP B 45 -26.73 -5.63 -39.12
C ASP B 45 -25.38 -5.03 -39.47
N ALA B 46 -24.95 -4.00 -38.75
CA ALA B 46 -23.68 -3.35 -38.96
C ALA B 46 -22.89 -3.35 -37.67
N THR B 47 -21.62 -3.72 -37.75
CA THR B 47 -20.77 -3.74 -36.57
C THR B 47 -20.47 -2.34 -36.09
N LEU B 48 -20.17 -2.21 -34.79
CA LEU B 48 -19.81 -0.91 -34.24
C LEU B 48 -18.54 -0.37 -34.88
N SER B 49 -17.61 -1.24 -35.26
CA SER B 49 -16.40 -0.80 -35.94
C SER B 49 -16.73 -0.19 -37.31
N GLN B 50 -17.61 -0.85 -38.07
CA GLN B 50 -17.92 -0.36 -39.41
C GLN B 50 -18.60 1.00 -39.36
N ILE B 51 -19.53 1.18 -38.42
CA ILE B 51 -20.27 2.44 -38.35
C ILE B 51 -19.36 3.58 -37.89
N THR B 52 -18.38 3.29 -37.04
CA THR B 52 -17.53 4.31 -36.44
C THR B 52 -16.26 4.59 -37.24
N ASN B 53 -16.15 4.09 -38.47
CA ASN B 53 -14.98 4.45 -39.27
C ASN B 53 -15.04 5.88 -39.79
N ASN B 54 -16.16 6.58 -39.64
CA ASN B 54 -16.31 7.93 -40.15
C ASN B 54 -16.36 8.98 -39.05
N ILE B 55 -15.93 8.63 -37.84
CA ILE B 55 -15.83 9.59 -36.75
C ILE B 55 -14.35 9.84 -36.48
N ASP B 56 -14.05 11.03 -35.99
CA ASP B 56 -12.66 11.43 -35.80
C ASP B 56 -12.03 10.63 -34.67
N PRO B 57 -10.94 9.90 -34.93
CA PRO B 57 -10.26 9.20 -33.83
C PRO B 57 -9.56 10.19 -32.92
N VAL B 58 -9.72 10.00 -31.61
CA VAL B 58 -9.01 10.83 -30.65
C VAL B 58 -7.52 10.58 -30.80
N GLY B 59 -6.73 11.66 -30.86
CA GLY B 59 -5.35 11.56 -31.25
C GLY B 59 -4.48 10.70 -30.37
N ARG B 60 -4.23 11.15 -29.15
CA ARG B 60 -3.39 10.39 -28.22
C ARG B 60 -3.70 10.88 -26.81
N ILE B 61 -4.31 10.02 -26.00
CA ILE B 61 -4.64 10.39 -24.64
C ILE B 61 -3.38 10.25 -23.79
N GLN B 62 -2.62 11.33 -23.68
CA GLN B 62 -1.35 11.31 -22.97
C GLN B 62 -1.56 11.91 -21.59
N MET B 63 -2.22 11.14 -20.73
CA MET B 63 -2.45 11.57 -19.36
C MET B 63 -1.18 11.41 -18.53
N ARG B 64 -1.10 12.18 -17.45
CA ARG B 64 0.10 12.27 -16.64
C ARG B 64 -0.26 12.09 -15.18
N THR B 65 0.62 11.46 -14.41
CA THR B 65 0.37 11.20 -12.99
C THR B 65 0.37 12.52 -12.24
N ARG B 66 -0.83 13.00 -11.90
CA ARG B 66 -0.95 14.22 -11.13
C ARG B 66 -0.61 14.00 -9.66
N ARG B 67 -1.09 12.89 -9.10
CA ARG B 67 -0.85 12.57 -7.71
C ARG B 67 -0.41 11.12 -7.60
N THR B 68 0.39 10.84 -6.57
CA THR B 68 0.74 9.48 -6.20
C THR B 68 0.34 9.28 -4.75
N LEU B 69 -0.60 8.37 -4.52
CA LEU B 69 -1.14 8.15 -3.18
C LEU B 69 -0.33 7.05 -2.53
N ARG B 70 0.58 7.43 -1.64
CA ARG B 70 1.45 6.51 -0.94
C ARG B 70 0.97 6.34 0.50
N GLY B 71 1.19 5.15 1.03
CA GLY B 71 0.75 4.83 2.37
C GLY B 71 0.26 3.40 2.50
N HIS B 72 -0.21 2.83 1.39
CA HIS B 72 -0.52 1.41 1.37
C HIS B 72 0.79 0.62 1.35
N LEU B 73 0.90 -0.36 2.24
CA LEU B 73 2.12 -1.14 2.38
C LEU B 73 1.95 -2.57 1.89
N ALA B 74 1.01 -2.79 0.99
CA ALA B 74 0.78 -4.09 0.38
C ALA B 74 0.08 -3.86 -0.95
N LYS B 75 -0.29 -4.96 -1.61
CA LYS B 75 -0.95 -4.83 -2.91
C LYS B 75 -2.33 -4.20 -2.73
N ILE B 76 -2.66 -3.31 -3.66
CA ILE B 76 -3.98 -2.67 -3.67
C ILE B 76 -4.85 -3.45 -4.65
N TYR B 77 -5.97 -3.97 -4.15
CA TYR B 77 -6.92 -4.67 -5.02
C TYR B 77 -8.09 -3.81 -5.46
N ALA B 78 -8.54 -2.87 -4.64
CA ALA B 78 -9.72 -2.10 -5.00
C ALA B 78 -9.52 -0.63 -4.65
N MET B 79 -10.00 0.23 -5.52
CA MET B 79 -10.25 1.62 -5.20
C MET B 79 -11.63 1.99 -5.70
N HIS B 80 -12.26 2.95 -5.03
CA HIS B 80 -13.50 3.52 -5.53
C HIS B 80 -13.51 5.02 -5.31
N TRP B 81 -13.87 5.76 -6.34
CA TRP B 81 -13.97 7.20 -6.25
C TRP B 81 -15.23 7.61 -5.52
N GLY B 82 -15.12 8.69 -4.74
CA GLY B 82 -16.29 9.35 -4.21
C GLY B 82 -17.05 10.09 -5.29
N THR B 83 -18.35 10.28 -5.04
CA THR B 83 -19.16 11.03 -5.99
C THR B 83 -18.77 12.50 -6.04
N ASP B 84 -18.07 13.00 -5.03
CA ASP B 84 -17.53 14.35 -5.08
C ASP B 84 -16.28 14.45 -5.94
N SER B 85 -15.82 13.33 -6.50
CA SER B 85 -14.67 13.28 -7.42
C SER B 85 -13.39 13.75 -6.77
N ARG B 86 -13.38 13.86 -5.46
CA ARG B 86 -12.22 14.29 -4.70
C ARG B 86 -11.79 13.27 -3.66
N LEU B 87 -12.73 12.66 -2.96
CA LEU B 87 -12.44 11.58 -2.04
C LEU B 87 -12.45 10.26 -2.78
N LEU B 88 -11.60 9.34 -2.33
CA LEU B 88 -11.61 7.99 -2.85
C LEU B 88 -11.16 7.05 -1.76
N VAL B 89 -11.70 5.84 -1.79
CA VAL B 89 -11.33 4.77 -0.86
C VAL B 89 -10.52 3.74 -1.63
N SER B 90 -9.46 3.25 -1.00
CA SER B 90 -8.64 2.19 -1.56
C SER B 90 -8.55 1.05 -0.54
N ALA B 91 -8.53 -0.17 -1.05
CA ALA B 91 -8.43 -1.36 -0.23
C ALA B 91 -7.12 -2.08 -0.54
N SER B 92 -6.36 -2.40 0.50
CA SER B 92 -5.09 -3.08 0.34
C SER B 92 -5.01 -4.27 1.29
N GLN B 93 -4.11 -5.19 0.96
CA GLN B 93 -3.85 -6.37 1.77
C GLN B 93 -3.19 -6.03 3.10
N ASP B 94 -2.73 -4.80 3.27
CA ASP B 94 -2.14 -4.40 4.53
C ASP B 94 -3.17 -4.25 5.64
N GLY B 95 -4.41 -4.67 5.37
CA GLY B 95 -5.47 -4.55 6.34
C GLY B 95 -6.02 -3.16 6.53
N LYS B 96 -5.70 -2.26 5.62
CA LYS B 96 -6.08 -0.85 5.75
C LYS B 96 -7.02 -0.47 4.63
N LEU B 97 -8.06 0.26 4.99
CA LEU B 97 -8.97 0.88 4.03
C LEU B 97 -8.72 2.38 4.15
N ILE B 98 -8.01 2.95 3.19
CA ILE B 98 -7.60 4.35 3.26
C ILE B 98 -8.53 5.20 2.41
N ILE B 99 -9.03 6.27 3.00
CA ILE B 99 -9.80 7.29 2.28
C ILE B 99 -8.87 8.47 2.02
N TRP B 100 -8.74 8.84 0.75
CA TRP B 100 -7.79 9.84 0.32
C TRP B 100 -8.50 11.12 -0.09
N ASP B 101 -7.88 12.24 0.23
CA ASP B 101 -8.20 13.52 -0.38
C ASP B 101 -7.35 13.62 -1.64
N SER B 102 -7.90 13.19 -2.76
CA SER B 102 -7.11 13.08 -3.98
C SER B 102 -6.59 14.43 -4.46
N TYR B 103 -7.18 15.53 -4.02
CA TYR B 103 -6.68 16.84 -4.41
C TYR B 103 -5.37 17.14 -3.70
N THR B 104 -5.39 17.14 -2.37
CA THR B 104 -4.22 17.44 -1.56
C THR B 104 -3.38 16.22 -1.22
N THR B 105 -3.81 15.03 -1.65
CA THR B 105 -3.15 13.75 -1.38
C THR B 105 -3.23 13.40 0.12
N ASN B 106 -3.99 14.17 0.89
CA ASN B 106 -4.16 13.89 2.30
C ASN B 106 -4.87 12.57 2.52
N LYS B 107 -4.56 11.93 3.65
CA LYS B 107 -5.30 10.77 4.11
C LYS B 107 -6.41 11.24 5.04
N VAL B 108 -7.66 11.06 4.62
CA VAL B 108 -8.79 11.46 5.45
C VAL B 108 -9.03 10.43 6.54
N HIS B 109 -9.11 9.16 6.16
CA HIS B 109 -9.33 8.07 7.10
C HIS B 109 -8.41 6.92 6.76
N ALA B 110 -7.95 6.21 7.78
CA ALA B 110 -7.24 4.94 7.62
C ALA B 110 -8.04 3.91 8.40
N ILE B 111 -8.84 3.12 7.71
CA ILE B 111 -9.75 2.17 8.33
C ILE B 111 -9.04 0.83 8.44
N PRO B 112 -8.77 0.34 9.65
CA PRO B 112 -8.15 -0.98 9.78
C PRO B 112 -9.20 -2.08 9.69
N LEU B 113 -8.98 -3.01 8.77
CA LEU B 113 -9.95 -4.08 8.51
C LEU B 113 -9.68 -5.27 9.41
N ARG B 114 -10.76 -5.88 9.91
CA ARG B 114 -10.63 -7.10 10.70
C ARG B 114 -10.02 -8.22 9.88
N SER B 115 -10.47 -8.38 8.64
CA SER B 115 -9.86 -9.28 7.69
C SER B 115 -9.02 -8.46 6.72
N SER B 116 -7.73 -8.78 6.64
CA SER B 116 -6.83 -8.07 5.73
C SER B 116 -6.95 -8.56 4.30
N TRP B 117 -7.76 -9.60 4.06
CA TRP B 117 -7.83 -10.25 2.76
C TRP B 117 -8.90 -9.62 1.88
N VAL B 118 -8.83 -8.30 1.77
CA VAL B 118 -9.83 -7.52 1.07
C VAL B 118 -9.55 -7.55 -0.42
N MET B 119 -10.61 -7.66 -1.21
CA MET B 119 -10.48 -7.58 -2.65
C MET B 119 -11.44 -6.60 -3.29
N THR B 120 -12.36 -6.01 -2.53
CA THR B 120 -13.30 -5.03 -3.05
C THR B 120 -13.47 -3.93 -2.03
N CYS B 121 -13.71 -2.73 -2.52
CA CYS B 121 -14.08 -1.61 -1.68
C CYS B 121 -15.04 -0.73 -2.47
N ALA B 122 -16.07 -0.25 -1.79
CA ALA B 122 -17.05 0.63 -2.38
C ALA B 122 -17.21 1.86 -1.51
N TYR B 123 -17.52 2.98 -2.14
CA TYR B 123 -17.78 4.22 -1.44
C TYR B 123 -19.25 4.54 -1.67
N ALA B 124 -19.99 4.78 -0.59
CA ALA B 124 -21.41 5.08 -0.74
C ALA B 124 -21.59 6.40 -1.47
N PRO B 125 -22.56 6.49 -2.38
CA PRO B 125 -22.78 7.76 -3.11
C PRO B 125 -23.03 8.94 -2.19
N SER B 126 -23.70 8.72 -1.06
CA SER B 126 -23.88 9.79 -0.08
C SER B 126 -22.56 10.24 0.52
N GLY B 127 -21.57 9.34 0.54
CA GLY B 127 -20.32 9.61 1.19
C GLY B 127 -20.28 9.21 2.65
N ASN B 128 -21.38 8.73 3.21
CA ASN B 128 -21.44 8.40 4.61
C ASN B 128 -20.82 7.05 4.93
N TYR B 129 -20.69 6.17 3.95
CA TYR B 129 -20.26 4.81 4.19
C TYR B 129 -19.26 4.37 3.13
N VAL B 130 -18.38 3.46 3.54
CA VAL B 130 -17.60 2.66 2.61
C VAL B 130 -17.85 1.20 2.93
N ALA B 131 -17.72 0.35 1.92
CA ALA B 131 -17.82 -1.08 2.08
C ALA B 131 -16.51 -1.72 1.64
N CYS B 132 -16.24 -2.90 2.19
CA CYS B 132 -15.12 -3.69 1.71
C CYS B 132 -15.39 -5.15 2.04
N GLY B 133 -14.64 -6.02 1.41
CA GLY B 133 -14.75 -7.45 1.68
C GLY B 133 -13.75 -8.22 0.85
N GLY B 134 -13.76 -9.52 1.07
CA GLY B 134 -12.78 -10.38 0.43
C GLY B 134 -12.91 -11.81 0.91
N LEU B 135 -11.78 -12.41 1.28
CA LEU B 135 -11.74 -13.83 1.61
C LEU B 135 -12.47 -14.17 2.90
N ASP B 136 -12.90 -13.16 3.68
CA ASP B 136 -13.71 -13.40 4.86
C ASP B 136 -15.17 -13.70 4.53
N ASN B 137 -15.58 -13.54 3.27
CA ASN B 137 -16.95 -13.78 2.82
C ASN B 137 -17.94 -12.80 3.47
N ILE B 138 -17.50 -11.58 3.76
CA ILE B 138 -18.31 -10.58 4.42
C ILE B 138 -18.16 -9.25 3.71
N CYS B 139 -19.28 -8.55 3.49
CA CYS B 139 -19.25 -7.15 3.12
C CYS B 139 -19.34 -6.33 4.41
N SER B 140 -18.26 -5.67 4.78
CA SER B 140 -18.24 -4.85 5.97
C SER B 140 -18.59 -3.41 5.59
N ILE B 141 -19.60 -2.86 6.24
CA ILE B 141 -20.05 -1.50 6.00
C ILE B 141 -19.48 -0.62 7.10
N TYR B 142 -18.78 0.44 6.70
CA TYR B 142 -18.11 1.34 7.62
C TYR B 142 -18.81 2.69 7.60
N ASN B 143 -19.19 3.19 8.77
CA ASN B 143 -19.76 4.51 8.89
C ASN B 143 -18.63 5.54 8.94
N LEU B 144 -18.55 6.37 7.91
CA LEU B 144 -17.52 7.41 7.86
C LEU B 144 -17.90 8.64 8.67
N LYS B 145 -19.17 8.78 9.04
CA LYS B 145 -19.67 9.99 9.67
C LYS B 145 -20.45 9.60 10.92
N THR B 146 -19.72 9.43 12.02
CA THR B 146 -20.28 9.14 13.32
C THR B 146 -20.05 10.33 14.24
N ARG B 147 -20.85 10.40 15.31
CA ARG B 147 -20.63 11.43 16.33
C ARG B 147 -19.24 11.31 16.93
N GLU B 148 -18.82 10.09 17.25
CA GLU B 148 -17.43 9.82 17.54
C GLU B 148 -16.62 9.98 16.26
N GLY B 149 -15.41 10.51 16.40
CA GLY B 149 -14.65 10.81 15.20
C GLY B 149 -14.04 9.64 14.49
N ASN B 150 -14.26 8.42 14.98
CA ASN B 150 -13.70 7.22 14.39
C ASN B 150 -14.64 6.65 13.35
N VAL B 151 -14.06 5.97 12.35
CA VAL B 151 -14.82 5.16 11.42
C VAL B 151 -14.93 3.76 11.99
N ARG B 152 -16.15 3.26 12.12
CA ARG B 152 -16.36 1.93 12.67
C ARG B 152 -17.34 1.16 11.79
N VAL B 153 -17.42 -0.14 12.05
CA VAL B 153 -18.19 -1.07 11.23
C VAL B 153 -19.67 -0.90 11.60
N SER B 154 -20.45 -0.35 10.67
CA SER B 154 -21.89 -0.28 10.91
C SER B 154 -22.55 -1.65 10.73
N ARG B 155 -22.18 -2.39 9.70
CA ARG B 155 -22.80 -3.67 9.40
C ARG B 155 -21.79 -4.61 8.77
N GLU B 156 -21.83 -5.87 9.20
CA GLU B 156 -21.07 -6.95 8.58
C GLU B 156 -22.07 -7.86 7.87
N LEU B 157 -22.05 -7.84 6.54
CA LEU B 157 -23.03 -8.57 5.74
C LEU B 157 -22.50 -9.98 5.49
N ALA B 158 -23.04 -10.95 6.23
CA ALA B 158 -22.68 -12.35 6.10
C ALA B 158 -23.78 -13.10 5.37
N GLY B 159 -23.39 -14.13 4.63
CA GLY B 159 -24.34 -14.90 3.86
C GLY B 159 -23.78 -15.40 2.55
N HIS B 160 -22.71 -14.77 2.08
CA HIS B 160 -21.97 -15.29 0.95
C HIS B 160 -21.06 -16.43 1.43
N THR B 161 -21.06 -17.53 0.68
CA THR B 161 -20.21 -18.66 1.00
C THR B 161 -18.92 -18.67 0.21
N GLY B 162 -18.70 -17.64 -0.62
CA GLY B 162 -17.43 -17.43 -1.26
C GLY B 162 -16.93 -16.03 -0.95
N TYR B 163 -15.71 -15.75 -1.39
CA TYR B 163 -15.14 -14.43 -1.17
C TYR B 163 -15.94 -13.38 -1.92
N LEU B 164 -16.01 -12.19 -1.33
CA LEU B 164 -16.60 -11.06 -2.04
C LEU B 164 -15.56 -10.43 -2.96
N SER B 165 -15.91 -10.35 -4.24
CA SER B 165 -15.03 -9.79 -5.25
C SER B 165 -15.41 -8.37 -5.65
N CYS B 166 -16.68 -8.00 -5.51
CA CYS B 166 -17.11 -6.63 -5.73
C CYS B 166 -18.29 -6.33 -4.83
N CYS B 167 -18.46 -5.03 -4.55
CA CYS B 167 -19.62 -4.52 -3.82
C CYS B 167 -19.84 -3.10 -4.30
N ARG B 168 -21.12 -2.72 -4.41
CA ARG B 168 -21.47 -1.37 -4.84
C ARG B 168 -22.74 -0.95 -4.10
N PHE B 169 -22.69 0.22 -3.46
CA PHE B 169 -23.87 0.75 -2.81
C PHE B 169 -24.91 1.17 -3.84
N LEU B 170 -26.15 0.70 -3.66
CA LEU B 170 -27.26 1.33 -4.35
C LEU B 170 -27.56 2.68 -3.74
N ASP B 171 -27.61 2.73 -2.41
CA ASP B 171 -27.83 3.92 -1.61
C ASP B 171 -27.28 3.61 -0.22
N ASP B 172 -27.65 4.42 0.77
CA ASP B 172 -27.14 4.25 2.12
C ASP B 172 -27.60 2.95 2.77
N ASN B 173 -28.72 2.39 2.34
CA ASN B 173 -29.26 1.18 2.95
C ASN B 173 -29.19 -0.05 2.06
N GLN B 174 -28.88 0.11 0.78
CA GLN B 174 -28.82 -1.00 -0.16
C GLN B 174 -27.43 -1.09 -0.75
N ILE B 175 -26.88 -2.30 -0.78
CA ILE B 175 -25.60 -2.58 -1.44
C ILE B 175 -25.72 -3.91 -2.16
N VAL B 176 -25.20 -3.96 -3.38
CA VAL B 176 -25.13 -5.20 -4.15
C VAL B 176 -23.70 -5.71 -4.10
N THR B 177 -23.55 -6.99 -3.78
CA THR B 177 -22.24 -7.63 -3.70
C THR B 177 -22.18 -8.81 -4.65
N SER B 178 -20.99 -9.07 -5.17
CA SER B 178 -20.70 -10.28 -5.92
C SER B 178 -19.77 -11.16 -5.10
N SER B 179 -19.80 -12.46 -5.39
CA SER B 179 -19.07 -13.40 -4.56
C SER B 179 -18.47 -14.50 -5.42
N GLY B 180 -17.43 -15.13 -4.89
CA GLY B 180 -16.88 -16.33 -5.46
C GLY B 180 -17.74 -17.56 -5.31
N ASP B 181 -18.87 -17.46 -4.59
CA ASP B 181 -19.83 -18.54 -4.53
C ASP B 181 -20.79 -18.54 -5.72
N THR B 182 -20.42 -17.86 -6.80
CA THR B 182 -21.13 -17.78 -8.07
C THR B 182 -22.39 -16.94 -8.00
N THR B 183 -22.71 -16.33 -6.85
CA THR B 183 -23.93 -15.57 -6.71
C THR B 183 -23.62 -14.11 -6.42
N CYS B 184 -24.56 -13.25 -6.78
CA CYS B 184 -24.61 -11.87 -6.32
C CYS B 184 -25.76 -11.73 -5.34
N ALA B 185 -25.64 -10.75 -4.46
CA ALA B 185 -26.66 -10.49 -3.45
C ALA B 185 -26.98 -9.01 -3.38
N LEU B 186 -28.24 -8.71 -3.11
CA LEU B 186 -28.68 -7.37 -2.76
C LEU B 186 -29.01 -7.38 -1.27
N TRP B 187 -28.42 -6.46 -0.53
CA TRP B 187 -28.55 -6.46 0.93
C TRP B 187 -29.33 -5.24 1.39
N ASP B 188 -30.09 -5.44 2.46
CA ASP B 188 -30.61 -4.35 3.26
C ASP B 188 -29.62 -4.14 4.40
N ILE B 189 -28.88 -3.03 4.34
CA ILE B 189 -27.78 -2.83 5.28
C ILE B 189 -28.30 -2.73 6.70
N GLU B 190 -29.46 -2.10 6.88
CA GLU B 190 -30.02 -1.95 8.22
C GLU B 190 -30.32 -3.30 8.86
N THR B 191 -31.03 -4.17 8.15
CA THR B 191 -31.33 -5.49 8.67
C THR B 191 -30.17 -6.46 8.48
N GLY B 192 -29.23 -6.16 7.60
CA GLY B 192 -28.11 -7.03 7.34
C GLY B 192 -28.43 -8.26 6.54
N GLN B 193 -29.63 -8.34 5.99
CA GLN B 193 -30.10 -9.55 5.33
C GLN B 193 -30.09 -9.38 3.82
N GLN B 194 -29.91 -10.50 3.13
CA GLN B 194 -29.99 -10.52 1.67
C GLN B 194 -31.43 -10.26 1.25
N THR B 195 -31.70 -9.06 0.75
CA THR B 195 -33.00 -8.80 0.15
C THR B 195 -33.22 -9.68 -1.08
N THR B 196 -32.19 -9.82 -1.90
CA THR B 196 -32.26 -10.64 -3.10
C THR B 196 -30.97 -11.41 -3.26
N THR B 197 -31.07 -12.62 -3.79
CA THR B 197 -29.93 -13.38 -4.23
C THR B 197 -30.00 -13.54 -5.73
N PHE B 198 -28.87 -13.34 -6.40
CA PHE B 198 -28.80 -13.36 -7.85
C PHE B 198 -27.97 -14.58 -8.24
N THR B 199 -28.67 -15.69 -8.46
CA THR B 199 -28.04 -16.94 -8.87
C THR B 199 -28.16 -17.11 -10.37
N GLY B 200 -27.26 -17.92 -10.92
CA GLY B 200 -27.28 -18.21 -12.34
C GLY B 200 -25.89 -18.30 -12.94
N HIS B 201 -24.93 -17.61 -12.35
CA HIS B 201 -23.54 -17.76 -12.76
C HIS B 201 -23.05 -19.13 -12.34
N THR B 202 -22.31 -19.80 -13.23
CA THR B 202 -21.74 -21.09 -12.91
C THR B 202 -20.31 -21.01 -12.40
N GLY B 203 -19.63 -19.89 -12.61
CA GLY B 203 -18.32 -19.65 -12.05
C GLY B 203 -18.36 -18.52 -11.03
N ASP B 204 -17.23 -18.34 -10.35
CA ASP B 204 -17.12 -17.28 -9.36
C ASP B 204 -17.30 -15.92 -10.02
N VAL B 205 -17.98 -15.01 -9.34
CA VAL B 205 -18.30 -13.70 -9.90
C VAL B 205 -17.25 -12.71 -9.44
N MET B 206 -16.53 -12.11 -10.39
CA MET B 206 -15.45 -11.17 -10.08
C MET B 206 -15.88 -9.74 -9.85
N SER B 207 -16.90 -9.26 -10.56
CA SER B 207 -17.14 -7.83 -10.59
C SER B 207 -18.61 -7.53 -10.75
N LEU B 208 -18.99 -6.34 -10.28
CA LEU B 208 -20.30 -5.75 -10.51
C LEU B 208 -20.11 -4.35 -11.08
N SER B 209 -21.12 -3.92 -11.84
CA SER B 209 -21.25 -2.53 -12.23
C SER B 209 -22.72 -2.16 -12.16
N LEU B 210 -23.06 -1.24 -11.28
CA LEU B 210 -24.42 -0.73 -11.20
C LEU B 210 -24.72 0.18 -12.39
N ALA B 211 -25.96 0.12 -12.86
CA ALA B 211 -26.40 1.08 -13.86
C ALA B 211 -26.54 2.45 -13.22
N PRO B 212 -26.44 3.52 -14.03
CA PRO B 212 -26.63 4.87 -13.46
C PRO B 212 -27.94 5.05 -12.73
N ASP B 213 -29.03 4.47 -13.23
CA ASP B 213 -30.30 4.53 -12.53
C ASP B 213 -30.40 3.53 -11.39
N THR B 214 -29.42 2.63 -11.27
CA THR B 214 -29.31 1.64 -10.18
C THR B 214 -30.53 0.72 -10.10
N ARG B 215 -31.31 0.62 -11.17
CA ARG B 215 -32.38 -0.35 -11.24
C ARG B 215 -31.91 -1.73 -11.70
N LEU B 216 -30.68 -1.82 -12.19
CA LEU B 216 -30.17 -3.04 -12.78
C LEU B 216 -28.64 -2.98 -12.80
N PHE B 217 -28.01 -4.14 -12.66
CA PHE B 217 -26.55 -4.21 -12.64
C PHE B 217 -26.08 -5.40 -13.46
N VAL B 218 -24.86 -5.28 -13.98
CA VAL B 218 -24.20 -6.37 -14.69
C VAL B 218 -23.13 -6.96 -13.79
N SER B 219 -22.93 -8.26 -13.92
CA SER B 219 -21.87 -8.96 -13.22
C SER B 219 -21.15 -9.88 -14.19
N GLY B 220 -19.82 -9.85 -14.16
CA GLY B 220 -19.01 -10.80 -14.89
C GLY B 220 -18.48 -11.87 -13.95
N ALA B 221 -18.35 -13.09 -14.47
CA ALA B 221 -17.94 -14.21 -13.65
C ALA B 221 -16.83 -14.99 -14.33
N CYS B 222 -16.33 -16.02 -13.62
CA CYS B 222 -15.29 -16.88 -14.15
C CYS B 222 -15.79 -17.84 -15.22
N ASP B 223 -17.09 -17.95 -15.40
CA ASP B 223 -17.63 -18.71 -16.53
C ASP B 223 -17.56 -17.93 -17.83
N ALA B 224 -16.78 -16.85 -17.86
CA ALA B 224 -16.56 -16.01 -19.04
C ALA B 224 -17.85 -15.38 -19.53
N SER B 225 -18.84 -15.25 -18.65
CA SER B 225 -20.14 -14.70 -19.01
C SER B 225 -20.44 -13.49 -18.16
N ALA B 226 -21.13 -12.53 -18.77
CA ALA B 226 -21.67 -11.37 -18.07
C ALA B 226 -23.18 -11.46 -18.05
N LYS B 227 -23.77 -11.35 -16.87
CA LYS B 227 -25.21 -11.45 -16.72
C LYS B 227 -25.79 -10.10 -16.27
N LEU B 228 -26.89 -9.72 -16.91
CA LEU B 228 -27.62 -8.51 -16.56
C LEU B 228 -28.71 -8.87 -15.57
N TRP B 229 -28.73 -8.18 -14.43
CA TRP B 229 -29.63 -8.49 -13.34
C TRP B 229 -30.55 -7.31 -13.06
N ASP B 230 -31.83 -7.59 -12.87
CA ASP B 230 -32.78 -6.59 -12.42
C ASP B 230 -32.80 -6.58 -10.90
N VAL B 231 -32.44 -5.43 -10.31
CA VAL B 231 -32.28 -5.35 -8.87
C VAL B 231 -33.62 -5.59 -8.16
N ARG B 232 -34.68 -4.94 -8.64
CA ARG B 232 -35.98 -5.06 -8.00
C ARG B 232 -36.56 -6.46 -8.16
N GLU B 233 -36.56 -7.00 -9.38
CA GLU B 233 -37.12 -8.32 -9.61
C GLU B 233 -36.21 -9.43 -9.09
N GLY B 234 -34.89 -9.26 -9.23
CA GLY B 234 -33.98 -10.28 -8.80
C GLY B 234 -33.70 -11.36 -9.80
N MET B 235 -33.79 -11.05 -11.09
CA MET B 235 -33.72 -12.04 -12.16
C MET B 235 -32.67 -11.63 -13.19
N CYS B 236 -32.09 -12.63 -13.84
CA CYS B 236 -31.07 -12.39 -14.86
C CYS B 236 -31.78 -12.03 -16.16
N ARG B 237 -31.79 -10.74 -16.48
CA ARG B 237 -32.45 -10.28 -17.69
C ARG B 237 -31.75 -10.79 -18.94
N GLN B 238 -30.43 -10.65 -18.99
CA GLN B 238 -29.65 -11.03 -20.16
C GLN B 238 -28.35 -11.69 -19.72
N THR B 239 -27.79 -12.49 -20.62
CA THR B 239 -26.51 -13.13 -20.40
C THR B 239 -25.62 -12.86 -21.61
N PHE B 240 -24.38 -12.48 -21.36
CA PHE B 240 -23.45 -12.09 -22.41
C PHE B 240 -22.23 -12.98 -22.35
N THR B 241 -21.95 -13.68 -23.44
CA THR B 241 -20.90 -14.70 -23.50
C THR B 241 -20.04 -14.44 -24.73
N GLY B 242 -19.01 -13.62 -24.59
CA GLY B 242 -18.07 -13.42 -25.67
C GLY B 242 -16.66 -13.81 -25.29
N HIS B 243 -16.32 -13.67 -24.01
CA HIS B 243 -14.98 -13.94 -23.54
C HIS B 243 -14.73 -15.45 -23.45
N GLU B 244 -13.47 -15.84 -23.63
CA GLU B 244 -13.08 -17.23 -23.47
C GLU B 244 -12.36 -17.51 -22.17
N SER B 245 -12.21 -16.51 -21.29
CA SER B 245 -11.61 -16.72 -19.98
C SER B 245 -12.38 -15.90 -18.95
N ASP B 246 -11.94 -16.01 -17.70
CA ASP B 246 -12.65 -15.38 -16.59
C ASP B 246 -12.76 -13.88 -16.78
N ILE B 247 -13.98 -13.36 -16.63
CA ILE B 247 -14.20 -11.92 -16.67
C ILE B 247 -13.86 -11.34 -15.30
N ASN B 248 -12.83 -10.51 -15.25
CA ASN B 248 -12.37 -9.93 -13.99
C ASN B 248 -12.94 -8.56 -13.70
N ALA B 249 -13.45 -7.86 -14.73
CA ALA B 249 -13.83 -6.46 -14.58
C ALA B 249 -15.02 -6.18 -15.47
N ILE B 250 -16.00 -5.45 -14.93
CA ILE B 250 -17.19 -5.06 -15.68
C ILE B 250 -17.49 -3.61 -15.35
N CYS B 251 -18.00 -2.87 -16.35
CA CYS B 251 -18.31 -1.47 -16.18
C CYS B 251 -19.41 -1.08 -17.15
N PHE B 252 -20.42 -0.37 -16.64
CA PHE B 252 -21.47 0.16 -17.50
C PHE B 252 -20.96 1.35 -18.32
N PHE B 253 -21.46 1.44 -19.56
CA PHE B 253 -21.33 2.66 -20.32
C PHE B 253 -22.12 3.77 -19.62
N PRO B 254 -21.68 5.03 -19.76
CA PRO B 254 -22.30 6.11 -18.97
C PRO B 254 -23.80 6.26 -19.13
N ASN B 255 -24.38 5.85 -20.26
CA ASN B 255 -25.82 5.95 -20.41
C ASN B 255 -26.58 4.76 -19.84
N GLY B 256 -25.87 3.71 -19.40
CA GLY B 256 -26.50 2.53 -18.87
C GLY B 256 -27.06 1.58 -19.90
N ASN B 257 -26.89 1.87 -21.20
CA ASN B 257 -27.38 1.02 -22.27
C ASN B 257 -26.32 0.04 -22.76
N ALA B 258 -25.11 0.10 -22.22
CA ALA B 258 -24.02 -0.77 -22.64
C ALA B 258 -23.08 -0.95 -21.46
N PHE B 259 -22.25 -1.97 -21.55
CA PHE B 259 -21.24 -2.21 -20.52
C PHE B 259 -20.02 -2.85 -21.14
N ALA B 260 -18.89 -2.72 -20.46
CA ALA B 260 -17.62 -3.25 -20.93
C ALA B 260 -17.06 -4.22 -19.91
N THR B 261 -16.69 -5.41 -20.39
CA THR B 261 -16.06 -6.42 -19.56
C THR B 261 -14.57 -6.48 -19.83
N GLY B 262 -13.83 -6.99 -18.84
CA GLY B 262 -12.41 -7.24 -18.98
C GLY B 262 -12.07 -8.60 -18.42
N SER B 263 -11.41 -9.44 -19.22
CA SER B 263 -11.20 -10.82 -18.84
C SER B 263 -9.73 -11.18 -18.91
N ASP B 264 -9.43 -12.42 -18.50
CA ASP B 264 -8.07 -12.93 -18.48
C ASP B 264 -7.55 -13.28 -19.86
N ASP B 265 -8.40 -13.27 -20.89
CA ASP B 265 -7.96 -13.57 -22.24
C ASP B 265 -7.38 -12.37 -22.95
N ALA B 266 -6.94 -11.36 -22.20
CA ALA B 266 -6.25 -10.18 -22.71
C ALA B 266 -7.14 -9.31 -23.58
N THR B 267 -8.46 -9.45 -23.46
CA THR B 267 -9.37 -8.67 -24.29
C THR B 267 -10.45 -8.02 -23.43
N CYS B 268 -10.87 -6.86 -23.88
CA CYS B 268 -12.04 -6.16 -23.35
C CYS B 268 -13.14 -6.18 -24.40
N ARG B 269 -14.37 -6.31 -23.95
CA ARG B 269 -15.51 -6.37 -24.85
C ARG B 269 -16.58 -5.40 -24.41
N LEU B 270 -17.27 -4.82 -25.38
CA LEU B 270 -18.40 -3.94 -25.14
C LEU B 270 -19.68 -4.68 -25.54
N PHE B 271 -20.62 -4.77 -24.60
CA PHE B 271 -21.90 -5.43 -24.84
C PHE B 271 -23.01 -4.40 -24.74
N ASP B 272 -23.93 -4.42 -25.70
CA ASP B 272 -25.12 -3.57 -25.65
C ASP B 272 -26.23 -4.30 -24.92
N LEU B 273 -26.90 -3.57 -24.03
CA LEU B 273 -28.04 -4.16 -23.33
C LEU B 273 -29.20 -4.40 -24.28
N ARG B 274 -29.55 -3.39 -25.08
CA ARG B 274 -30.71 -3.49 -25.95
C ARG B 274 -30.43 -4.43 -27.13
N ALA B 275 -29.27 -4.30 -27.76
CA ALA B 275 -28.91 -5.22 -28.83
C ALA B 275 -28.60 -6.60 -28.30
N ASP B 276 -28.32 -6.74 -27.00
CA ASP B 276 -28.06 -8.02 -26.36
C ASP B 276 -26.92 -8.76 -27.04
N GLN B 277 -25.90 -8.02 -27.46
CA GLN B 277 -24.82 -8.61 -28.24
C GLN B 277 -23.53 -7.83 -27.99
N GLU B 278 -22.40 -8.51 -28.20
CA GLU B 278 -21.11 -7.85 -28.10
C GLU B 278 -20.92 -6.90 -29.29
N LEU B 279 -20.49 -5.67 -29.00
CA LEU B 279 -20.33 -4.65 -30.02
C LEU B 279 -18.88 -4.48 -30.46
N MET B 280 -17.97 -4.33 -29.51
CA MET B 280 -16.58 -4.01 -29.83
C MET B 280 -15.66 -4.90 -29.02
N THR B 281 -14.50 -5.18 -29.57
CA THR B 281 -13.47 -5.98 -28.91
C THR B 281 -12.20 -5.14 -28.80
N TYR B 282 -11.68 -5.03 -27.59
CA TYR B 282 -10.54 -4.17 -27.29
C TYR B 282 -9.34 -5.05 -26.96
N SER B 283 -8.62 -5.46 -28.00
CA SER B 283 -7.47 -6.34 -27.83
C SER B 283 -6.34 -5.89 -28.75
N HIS B 284 -5.12 -6.13 -28.31
CA HIS B 284 -3.92 -5.93 -29.11
C HIS B 284 -3.06 -7.18 -28.99
N ASP B 285 -2.44 -7.57 -30.11
CA ASP B 285 -1.66 -8.80 -30.12
C ASP B 285 -0.51 -8.74 -29.14
N ASN B 286 0.12 -7.57 -29.00
CA ASN B 286 1.20 -7.40 -28.04
C ASN B 286 0.72 -7.29 -26.60
N ILE B 287 -0.58 -7.40 -26.36
CA ILE B 287 -1.13 -7.53 -25.01
C ILE B 287 -1.58 -8.97 -24.85
N ILE B 288 -0.91 -9.69 -23.95
CA ILE B 288 -1.22 -11.09 -23.70
C ILE B 288 -1.69 -11.34 -22.27
N CYS B 289 -1.42 -10.42 -21.34
CA CYS B 289 -1.82 -10.56 -19.95
C CYS B 289 -3.31 -10.28 -19.78
N GLY B 290 -3.84 -10.66 -18.63
CA GLY B 290 -5.23 -10.46 -18.32
C GLY B 290 -5.54 -9.02 -17.94
N ILE B 291 -6.82 -8.75 -17.77
CA ILE B 291 -7.32 -7.42 -17.47
C ILE B 291 -7.98 -7.44 -16.09
N THR B 292 -7.55 -6.53 -15.22
CA THR B 292 -8.02 -6.50 -13.85
C THR B 292 -9.18 -5.55 -13.62
N SER B 293 -9.21 -4.43 -14.35
CA SER B 293 -10.17 -3.37 -14.07
C SER B 293 -10.52 -2.67 -15.37
N VAL B 294 -11.77 -2.24 -15.49
CA VAL B 294 -12.23 -1.44 -16.61
C VAL B 294 -13.03 -0.27 -16.07
N SER B 295 -12.96 0.85 -16.78
CA SER B 295 -13.80 2.00 -16.48
C SER B 295 -13.96 2.83 -17.73
N PHE B 296 -15.03 3.60 -17.78
CA PHE B 296 -15.32 4.48 -18.90
C PHE B 296 -15.02 5.92 -18.50
N SER B 297 -14.76 6.75 -19.51
CA SER B 297 -14.73 8.18 -19.30
C SER B 297 -16.15 8.70 -19.12
N LYS B 298 -16.25 9.99 -18.75
CA LYS B 298 -17.54 10.58 -18.48
C LYS B 298 -18.41 10.58 -19.74
N SER B 299 -17.83 10.91 -20.89
CA SER B 299 -18.55 10.78 -22.15
C SER B 299 -18.62 9.35 -22.66
N GLY B 300 -17.82 8.45 -22.09
CA GLY B 300 -17.82 7.06 -22.49
C GLY B 300 -17.05 6.75 -23.75
N ARG B 301 -16.39 7.72 -24.37
CA ARG B 301 -15.60 7.42 -25.55
C ARG B 301 -14.29 6.73 -25.21
N LEU B 302 -13.82 6.86 -23.98
CA LEU B 302 -12.59 6.20 -23.55
C LEU B 302 -12.95 5.02 -22.66
N LEU B 303 -12.41 3.86 -22.99
CA LEU B 303 -12.46 2.69 -22.12
C LEU B 303 -11.08 2.50 -21.51
N LEU B 304 -10.99 2.66 -20.20
CA LEU B 304 -9.73 2.55 -19.50
C LEU B 304 -9.67 1.19 -18.82
N ALA B 305 -8.71 0.36 -19.23
CA ALA B 305 -8.56 -0.98 -18.70
C ALA B 305 -7.21 -1.13 -18.03
N GLY B 306 -7.21 -1.77 -16.86
CA GLY B 306 -5.99 -2.07 -16.14
C GLY B 306 -5.58 -3.52 -16.37
N TYR B 307 -4.31 -3.71 -16.69
CA TYR B 307 -3.81 -4.99 -17.12
C TYR B 307 -2.83 -5.56 -16.11
N ASP B 308 -2.46 -6.83 -16.34
CA ASP B 308 -1.42 -7.47 -15.56
C ASP B 308 -0.02 -7.02 -15.96
N ASP B 309 0.13 -6.42 -17.15
CA ASP B 309 1.42 -5.99 -17.65
C ASP B 309 1.92 -4.71 -17.00
N PHE B 310 1.34 -4.36 -15.86
CA PHE B 310 1.72 -3.29 -14.95
C PHE B 310 1.18 -1.93 -15.39
N ASN B 311 0.48 -1.83 -16.51
CA ASN B 311 0.05 -0.52 -16.99
C ASN B 311 -1.42 -0.54 -17.41
N CYS B 312 -2.03 0.63 -17.33
CA CYS B 312 -3.36 0.87 -17.86
C CYS B 312 -3.29 1.26 -19.32
N ASN B 313 -4.17 0.70 -20.13
CA ASN B 313 -4.28 1.04 -21.53
C ASN B 313 -5.60 1.76 -21.77
N VAL B 314 -5.53 2.92 -22.42
CA VAL B 314 -6.70 3.71 -22.72
C VAL B 314 -7.19 3.34 -24.12
N TRP B 315 -8.47 3.01 -24.22
CA TRP B 315 -9.06 2.53 -25.46
C TRP B 315 -10.08 3.53 -25.97
N ASP B 316 -10.03 3.82 -27.27
CA ASP B 316 -11.14 4.51 -27.91
C ASP B 316 -12.33 3.56 -27.95
N ALA B 317 -13.31 3.81 -27.09
CA ALA B 317 -14.42 2.88 -26.95
C ALA B 317 -15.17 2.71 -28.26
N LEU B 318 -15.32 3.79 -29.03
CA LEU B 318 -16.05 3.72 -30.29
C LEU B 318 -15.24 3.11 -31.42
N LYS B 319 -13.91 3.08 -31.31
CA LYS B 319 -13.07 2.63 -32.41
C LYS B 319 -12.10 1.51 -32.05
N ALA B 320 -11.99 1.14 -30.78
CA ALA B 320 -11.11 0.05 -30.32
C ALA B 320 -9.65 0.32 -30.66
N ASP B 321 -9.23 1.58 -30.64
CA ASP B 321 -7.84 1.94 -30.80
C ASP B 321 -7.26 2.28 -29.43
N ARG B 322 -6.01 1.89 -29.20
CA ARG B 322 -5.32 2.25 -27.97
C ARG B 322 -5.02 3.74 -28.02
N ALA B 323 -5.86 4.53 -27.35
CA ALA B 323 -5.69 5.97 -27.37
C ALA B 323 -4.55 6.42 -26.48
N GLY B 324 -4.13 5.59 -25.52
CA GLY B 324 -3.05 5.97 -24.64
C GLY B 324 -2.68 4.82 -23.73
N VAL B 325 -1.62 5.05 -22.95
CA VAL B 325 -1.13 4.07 -21.99
C VAL B 325 -0.82 4.80 -20.70
N LEU B 326 -1.32 4.28 -19.58
CA LEU B 326 -1.00 4.81 -18.27
C LEU B 326 0.08 3.96 -17.60
N ALA B 327 1.25 3.95 -18.23
CA ALA B 327 2.41 3.35 -17.60
C ALA B 327 2.83 4.21 -16.40
N GLY B 328 3.38 3.56 -15.39
CA GLY B 328 3.65 4.26 -14.15
C GLY B 328 3.46 3.43 -12.90
N HIS B 329 3.07 2.17 -13.07
CA HIS B 329 2.97 1.25 -11.95
C HIS B 329 3.99 0.14 -12.12
N ASP B 330 4.61 -0.26 -11.01
CA ASP B 330 5.66 -1.26 -11.03
C ASP B 330 5.14 -2.67 -10.79
N ASN B 331 3.82 -2.84 -10.66
CA ASN B 331 3.21 -4.14 -10.53
C ASN B 331 1.86 -4.09 -11.23
N ARG B 332 1.14 -5.21 -11.18
CA ARG B 332 -0.12 -5.34 -11.88
C ARG B 332 -1.11 -4.27 -11.44
N VAL B 333 -1.66 -3.55 -12.42
CA VAL B 333 -2.70 -2.55 -12.14
C VAL B 333 -3.98 -3.31 -11.81
N SER B 334 -4.34 -3.32 -10.53
CA SER B 334 -5.46 -4.14 -10.07
C SER B 334 -6.79 -3.43 -10.12
N CYS B 335 -6.80 -2.11 -10.03
CA CYS B 335 -8.04 -1.35 -9.97
C CYS B 335 -7.83 0.00 -10.63
N LEU B 336 -8.93 0.59 -11.09
CA LEU B 336 -8.89 1.94 -11.60
C LEU B 336 -10.30 2.51 -11.61
N GLY B 337 -10.39 3.82 -11.40
CA GLY B 337 -11.67 4.50 -11.43
C GLY B 337 -11.59 5.87 -12.04
N VAL B 338 -12.63 6.24 -12.78
CA VAL B 338 -12.79 7.58 -13.32
C VAL B 338 -13.73 8.35 -12.40
N THR B 339 -13.43 9.62 -12.18
CA THR B 339 -14.27 10.45 -11.33
C THR B 339 -15.62 10.72 -12.00
N ASP B 340 -16.62 11.03 -11.17
CA ASP B 340 -17.95 11.34 -11.71
C ASP B 340 -17.96 12.63 -12.51
N ASP B 341 -17.08 13.58 -12.19
CA ASP B 341 -16.95 14.74 -13.04
C ASP B 341 -16.04 14.49 -14.24
N GLY B 342 -15.47 13.29 -14.34
CA GLY B 342 -14.61 12.93 -15.44
C GLY B 342 -13.25 13.59 -15.42
N MET B 343 -12.93 14.33 -14.36
CA MET B 343 -11.69 15.08 -14.33
C MET B 343 -10.49 14.14 -14.36
N ALA B 344 -10.46 13.19 -13.44
CA ALA B 344 -9.27 12.40 -13.20
C ALA B 344 -9.56 10.90 -13.34
N VAL B 345 -8.47 10.15 -13.42
CA VAL B 345 -8.48 8.70 -13.34
C VAL B 345 -7.53 8.30 -12.24
N ALA B 346 -7.97 7.42 -11.36
CA ALA B 346 -7.08 6.80 -10.40
C ALA B 346 -6.74 5.40 -10.88
N THR B 347 -5.51 4.98 -10.63
CA THR B 347 -5.09 3.60 -10.86
C THR B 347 -4.41 3.11 -9.61
N GLY B 348 -4.99 2.09 -8.99
CA GLY B 348 -4.32 1.34 -7.96
C GLY B 348 -3.67 0.12 -8.57
N SER B 349 -2.62 -0.37 -7.92
CA SER B 349 -1.92 -1.51 -8.46
C SER B 349 -1.30 -2.31 -7.33
N TRP B 350 -0.76 -3.47 -7.69
CA TRP B 350 -0.12 -4.35 -6.74
C TRP B 350 1.18 -3.77 -6.20
N ASP B 351 1.70 -2.70 -6.79
CA ASP B 351 2.90 -2.06 -6.26
C ASP B 351 2.60 -1.10 -5.11
N SER B 352 1.38 -1.15 -4.56
CA SER B 352 0.96 -0.42 -3.36
C SER B 352 0.77 1.07 -3.59
N PHE B 353 0.51 1.50 -4.81
CA PHE B 353 0.38 2.92 -5.10
C PHE B 353 -0.90 3.20 -5.86
N LEU B 354 -1.50 4.36 -5.57
CA LEU B 354 -2.59 4.92 -6.35
C LEU B 354 -2.07 6.14 -7.08
N LYS B 355 -2.34 6.21 -8.38
CA LYS B 355 -1.91 7.33 -9.19
C LYS B 355 -3.13 8.03 -9.78
N ILE B 356 -3.21 9.33 -9.58
CA ILE B 356 -4.25 10.15 -10.19
C ILE B 356 -3.70 10.70 -11.50
N TRP B 357 -4.48 10.54 -12.57
CA TRP B 357 -4.06 10.92 -13.91
C TRP B 357 -5.01 11.97 -14.48
N ASN B 358 -4.50 12.75 -15.43
CA ASN B 358 -5.28 13.78 -16.10
C ASN B 358 -4.95 13.86 -17.58
N SER C 8 -30.14 -34.04 -13.06
CA SER C 8 -30.83 -33.19 -12.12
C SER C 8 -32.03 -32.51 -12.78
N ILE C 9 -33.23 -32.91 -12.39
CA ILE C 9 -34.44 -32.35 -12.97
C ILE C 9 -34.56 -30.86 -12.64
N ALA C 10 -34.32 -30.51 -11.38
CA ALA C 10 -34.48 -29.12 -10.94
C ALA C 10 -33.52 -28.19 -11.68
N GLN C 11 -32.25 -28.58 -11.79
CA GLN C 11 -31.28 -27.74 -12.48
C GLN C 11 -31.64 -27.58 -13.95
N ALA C 12 -32.04 -28.68 -14.60
CA ALA C 12 -32.38 -28.62 -16.01
C ALA C 12 -33.60 -27.72 -16.24
N ARG C 13 -34.64 -27.87 -15.42
CA ARG C 13 -35.83 -27.04 -15.60
C ARG C 13 -35.53 -25.57 -15.31
N LYS C 14 -34.72 -25.30 -14.28
CA LYS C 14 -34.36 -23.91 -13.99
C LYS C 14 -33.58 -23.29 -15.14
N LEU C 15 -32.61 -24.03 -15.69
CA LEU C 15 -31.84 -23.51 -16.81
C LEU C 15 -32.71 -23.29 -18.03
N VAL C 16 -33.63 -24.22 -18.30
CA VAL C 16 -34.50 -24.09 -19.47
C VAL C 16 -35.40 -22.87 -19.33
N GLU C 17 -36.02 -22.69 -18.15
CA GLU C 17 -36.86 -21.52 -17.96
C GLU C 17 -36.05 -20.23 -18.02
N GLN C 18 -34.84 -20.24 -17.46
CA GLN C 18 -34.00 -19.05 -17.53
C GLN C 18 -33.68 -18.69 -18.97
N LEU C 19 -33.35 -19.70 -19.80
CA LEU C 19 -33.12 -19.43 -21.21
C LEU C 19 -34.39 -18.98 -21.91
N LYS C 20 -35.55 -19.47 -21.48
CA LYS C 20 -36.81 -19.03 -22.06
C LYS C 20 -37.03 -17.54 -21.82
N MET C 21 -36.85 -17.09 -20.58
CA MET C 21 -36.94 -15.65 -20.32
C MET C 21 -35.77 -14.88 -20.90
N GLU C 22 -34.65 -15.55 -21.21
CA GLU C 22 -33.57 -14.90 -21.94
C GLU C 22 -34.02 -14.57 -23.37
N ALA C 23 -34.63 -15.54 -24.05
CA ALA C 23 -35.06 -15.31 -25.43
C ALA C 23 -36.17 -14.28 -25.52
N ASN C 24 -36.98 -14.14 -24.46
CA ASN C 24 -38.07 -13.18 -24.44
C ASN C 24 -37.55 -11.77 -24.09
N ILE C 25 -36.63 -11.30 -24.93
CA ILE C 25 -36.05 -9.97 -24.81
C ILE C 25 -36.11 -9.31 -26.18
N ASP C 26 -36.68 -8.11 -26.23
CA ASP C 26 -36.69 -7.35 -27.46
C ASP C 26 -35.29 -6.82 -27.76
N ARG C 27 -34.80 -7.07 -28.95
CA ARG C 27 -33.45 -6.68 -29.35
C ARG C 27 -33.52 -5.67 -30.49
N ILE C 28 -32.88 -4.53 -30.31
CA ILE C 28 -32.77 -3.52 -31.36
C ILE C 28 -31.64 -3.92 -32.31
N LYS C 29 -31.56 -3.26 -33.45
CA LYS C 29 -30.46 -3.49 -34.37
C LYS C 29 -29.16 -2.99 -33.76
N VAL C 30 -28.07 -3.70 -34.06
CA VAL C 30 -26.75 -3.28 -33.58
C VAL C 30 -26.37 -1.93 -34.18
N SER C 31 -26.90 -1.62 -35.37
CA SER C 31 -26.68 -0.30 -35.95
C SER C 31 -27.26 0.80 -35.08
N LYS C 32 -28.46 0.57 -34.54
CA LYS C 32 -29.06 1.56 -33.64
C LYS C 32 -28.27 1.66 -32.34
N ALA C 33 -27.74 0.54 -31.85
CA ALA C 33 -26.93 0.59 -30.64
C ALA C 33 -25.66 1.40 -30.86
N ALA C 34 -25.00 1.21 -32.00
CA ALA C 34 -23.81 2.00 -32.32
C ALA C 34 -24.17 3.48 -32.49
N ALA C 35 -25.31 3.75 -33.12
CA ALA C 35 -25.74 5.14 -33.27
C ALA C 35 -26.00 5.79 -31.92
N ASP C 36 -26.61 5.06 -31.00
CA ASP C 36 -26.83 5.57 -29.64
C ASP C 36 -25.51 5.81 -28.93
N LEU C 37 -24.55 4.90 -29.12
CA LEU C 37 -23.24 5.06 -28.48
C LEU C 37 -22.54 6.33 -28.98
N MET C 38 -22.56 6.57 -30.29
CA MET C 38 -22.07 7.84 -30.81
C MET C 38 -22.87 9.02 -30.25
N ALA C 39 -24.20 8.92 -30.27
CA ALA C 39 -25.00 10.04 -29.80
C ALA C 39 -24.60 10.44 -28.40
N TYR C 40 -24.36 9.46 -27.53
CA TYR C 40 -23.94 9.79 -26.18
C TYR C 40 -22.50 10.30 -26.14
N CYS C 41 -21.61 9.73 -26.96
CA CYS C 41 -20.20 10.09 -26.85
C CYS C 41 -19.94 11.52 -27.34
N GLU C 42 -20.47 11.89 -28.50
CA GLU C 42 -20.34 13.28 -28.95
C GLU C 42 -21.32 14.22 -28.28
N ALA C 43 -22.44 13.71 -27.74
CA ALA C 43 -23.31 14.58 -26.96
C ALA C 43 -22.73 14.92 -25.59
N HIS C 44 -21.63 14.27 -25.19
CA HIS C 44 -21.00 14.52 -23.90
C HIS C 44 -19.50 14.70 -24.03
N ALA C 45 -18.97 14.83 -25.24
CA ALA C 45 -17.53 14.93 -25.42
C ALA C 45 -16.97 16.20 -24.80
N LYS C 46 -17.71 17.30 -24.87
CA LYS C 46 -17.20 18.57 -24.38
C LYS C 46 -17.12 18.62 -22.86
N GLU C 47 -17.82 17.74 -22.15
CA GLU C 47 -17.71 17.67 -20.70
C GLU C 47 -16.87 16.49 -20.24
N ASP C 48 -16.06 15.92 -21.14
CA ASP C 48 -15.17 14.82 -20.80
C ASP C 48 -13.75 15.34 -20.64
N PRO C 49 -13.30 15.63 -19.41
CA PRO C 49 -11.94 16.16 -19.23
C PRO C 49 -10.85 15.20 -19.68
N LEU C 50 -11.09 13.90 -19.70
CA LEU C 50 -10.06 12.98 -20.16
C LEU C 50 -9.97 12.96 -21.68
N LEU C 51 -11.09 13.14 -22.37
CA LEU C 51 -11.06 13.26 -23.82
C LEU C 51 -10.44 14.60 -24.23
N THR C 52 -10.89 15.68 -23.62
CA THR C 52 -10.35 17.02 -23.86
C THR C 52 -9.82 17.57 -22.54
N PRO C 53 -8.51 17.58 -22.32
CA PRO C 53 -7.98 18.06 -21.04
C PRO C 53 -8.41 19.49 -20.74
N VAL C 54 -8.82 19.71 -19.50
CA VAL C 54 -9.27 21.02 -19.05
C VAL C 54 -8.06 21.94 -18.91
N PRO C 55 -8.22 23.25 -19.03
CA PRO C 55 -7.09 24.16 -18.77
C PRO C 55 -6.60 24.02 -17.35
N ALA C 56 -5.30 24.24 -17.16
CA ALA C 56 -4.69 24.04 -15.85
C ALA C 56 -5.35 24.89 -14.78
N SER C 57 -5.96 26.02 -15.17
CA SER C 57 -6.71 26.82 -14.20
C SER C 57 -7.91 26.06 -13.67
N GLU C 58 -8.65 25.38 -14.55
CA GLU C 58 -9.82 24.61 -14.17
C GLU C 58 -9.49 23.17 -13.79
N ASN C 59 -8.24 22.74 -13.95
CA ASN C 59 -7.85 21.38 -13.60
C ASN C 59 -7.62 21.29 -12.09
N PRO C 60 -8.37 20.45 -11.37
CA PRO C 60 -8.19 20.37 -9.91
C PRO C 60 -6.96 19.60 -9.48
N PHE C 61 -6.23 18.98 -10.40
CA PHE C 61 -4.98 18.30 -10.11
C PHE C 61 -3.90 18.96 -10.96
N ARG C 62 -3.30 20.02 -10.43
CA ARG C 62 -2.30 20.78 -11.17
C ARG C 62 -0.90 20.51 -10.62
N VAL D 2 -21.70 11.33 23.03
CA VAL D 2 -20.67 12.36 22.96
C VAL D 2 -20.93 13.44 23.98
N GLN D 3 -20.05 13.57 24.97
CA GLN D 3 -20.16 14.62 25.95
C GLN D 3 -18.78 15.17 26.27
N LEU D 4 -18.77 16.43 26.72
CA LEU D 4 -17.54 17.10 27.15
C LEU D 4 -17.87 17.81 28.45
N VAL D 5 -17.32 17.33 29.56
CA VAL D 5 -17.62 17.86 30.88
C VAL D 5 -16.39 18.57 31.41
N GLU D 6 -16.50 19.89 31.59
CA GLU D 6 -15.41 20.68 32.15
C GLU D 6 -15.51 20.72 33.66
N SER D 7 -14.36 20.78 34.32
CA SER D 7 -14.28 20.94 35.76
C SER D 7 -13.30 22.07 36.09
N GLY D 8 -13.22 22.40 37.37
CA GLY D 8 -12.40 23.51 37.81
C GLY D 8 -13.24 24.74 38.10
N GLY D 9 -12.75 25.90 37.70
CA GLY D 9 -13.51 27.11 37.86
C GLY D 9 -13.63 27.54 39.32
N GLY D 10 -14.51 28.51 39.53
CA GLY D 10 -14.73 29.08 40.85
C GLY D 10 -13.94 30.36 41.05
N LEU D 11 -14.12 30.92 42.24
CA LEU D 11 -13.44 32.17 42.59
C LEU D 11 -11.95 31.93 42.74
N VAL D 12 -11.14 32.82 42.17
CA VAL D 12 -9.69 32.75 42.25
C VAL D 12 -9.16 34.16 42.45
N GLN D 13 -8.16 34.29 43.31
CA GLN D 13 -7.57 35.59 43.55
C GLN D 13 -6.85 36.08 42.30
N PRO D 14 -6.85 37.38 42.04
CA PRO D 14 -6.13 37.90 40.86
C PRO D 14 -4.64 37.58 40.94
N GLY D 15 -4.06 37.29 39.79
CA GLY D 15 -2.68 36.86 39.74
C GLY D 15 -2.44 35.43 40.17
N GLY D 16 -3.49 34.70 40.56
CA GLY D 16 -3.36 33.33 40.97
C GLY D 16 -3.33 32.38 39.80
N SER D 17 -3.44 31.08 40.12
CA SER D 17 -3.35 30.04 39.12
C SER D 17 -4.34 28.93 39.42
N ARG D 18 -5.04 28.48 38.37
CA ARG D 18 -5.87 27.28 38.43
C ARG D 18 -5.73 26.53 37.11
N LYS D 19 -6.23 25.30 37.09
CA LYS D 19 -6.13 24.43 35.92
C LYS D 19 -7.51 23.87 35.61
N LEU D 20 -8.14 24.38 34.56
CA LEU D 20 -9.39 23.79 34.08
C LEU D 20 -9.10 22.50 33.33
N SER D 21 -10.00 21.53 33.51
CA SER D 21 -9.96 20.27 32.78
C SER D 21 -11.30 20.04 32.12
N CYS D 22 -11.31 19.15 31.13
CA CYS D 22 -12.55 18.68 30.52
C CYS D 22 -12.47 17.18 30.33
N SER D 23 -13.38 16.46 30.98
CA SER D 23 -13.40 15.00 30.91
C SER D 23 -14.28 14.59 29.73
N ALA D 24 -13.66 14.38 28.58
CA ALA D 24 -14.37 13.93 27.40
C ALA D 24 -14.77 12.46 27.55
N SER D 25 -15.90 12.12 26.97
CA SER D 25 -16.32 10.73 26.89
C SER D 25 -17.31 10.58 25.75
N GLY D 26 -17.45 9.35 25.27
CA GLY D 26 -18.40 9.05 24.22
C GLY D 26 -17.94 9.36 22.82
N PHE D 27 -16.68 9.75 22.62
CA PHE D 27 -16.17 9.96 21.29
C PHE D 27 -14.67 9.72 21.28
N ALA D 28 -14.12 9.61 20.07
CA ALA D 28 -12.69 9.36 19.86
C ALA D 28 -11.91 10.64 20.15
N PHE D 29 -11.68 10.90 21.43
CA PHE D 29 -11.11 12.17 21.87
C PHE D 29 -9.74 12.42 21.27
N SER D 30 -8.92 11.37 21.17
CA SER D 30 -7.56 11.53 20.67
C SER D 30 -7.51 12.01 19.23
N SER D 31 -8.55 11.77 18.44
CA SER D 31 -8.55 12.16 17.04
C SER D 31 -9.13 13.56 16.81
N PHE D 32 -9.62 14.23 17.85
CA PHE D 32 -10.17 15.56 17.74
C PHE D 32 -9.17 16.60 18.19
N GLY D 33 -9.06 17.69 17.43
CA GLY D 33 -8.44 18.89 17.97
C GLY D 33 -9.33 19.52 19.01
N MET D 34 -8.72 20.15 20.00
CA MET D 34 -9.48 20.63 21.15
C MET D 34 -9.21 22.10 21.38
N HIS D 35 -10.27 22.85 21.68
CA HIS D 35 -10.19 24.27 21.93
C HIS D 35 -10.73 24.61 23.31
N TRP D 36 -10.31 25.77 23.80
CA TRP D 36 -11.01 26.46 24.88
C TRP D 36 -11.55 27.75 24.29
N VAL D 37 -12.85 28.00 24.48
CA VAL D 37 -13.48 29.23 24.04
C VAL D 37 -14.23 29.80 25.23
N ARG D 38 -13.85 30.99 25.66
CA ARG D 38 -14.45 31.59 26.84
C ARG D 38 -15.47 32.65 26.46
N GLN D 39 -16.19 33.12 27.47
CA GLN D 39 -17.28 34.08 27.25
C GLN D 39 -17.51 34.80 28.57
N ALA D 40 -17.24 36.11 28.59
CA ALA D 40 -17.49 36.88 29.78
C ALA D 40 -18.97 36.86 30.10
N PRO D 41 -19.34 37.03 31.38
CA PRO D 41 -20.75 36.83 31.78
C PRO D 41 -21.76 37.64 30.99
N GLU D 42 -21.32 38.74 30.37
CA GLU D 42 -22.18 39.55 29.53
C GLU D 42 -21.69 39.72 28.11
N LYS D 43 -20.47 39.30 27.80
CA LYS D 43 -19.86 39.54 26.49
C LYS D 43 -20.00 38.29 25.60
N GLY D 44 -19.42 38.38 24.41
CA GLY D 44 -19.48 37.31 23.43
C GLY D 44 -18.40 36.28 23.62
N LEU D 45 -18.34 35.35 22.67
CA LEU D 45 -17.38 34.27 22.72
C LEU D 45 -15.98 34.78 22.38
N GLU D 46 -14.97 34.22 23.06
CA GLU D 46 -13.58 34.59 22.82
C GLU D 46 -12.75 33.33 22.87
N TRP D 47 -12.15 32.97 21.74
CA TRP D 47 -11.35 31.76 21.66
C TRP D 47 -10.09 31.88 22.51
N VAL D 48 -9.78 30.83 23.27
CA VAL D 48 -8.64 30.87 24.18
C VAL D 48 -7.42 30.23 23.55
N ALA D 49 -7.51 28.93 23.26
CA ALA D 49 -6.34 28.17 22.84
C ALA D 49 -6.80 26.95 22.06
N TYR D 50 -5.83 26.30 21.42
CA TYR D 50 -6.08 25.14 20.59
C TYR D 50 -4.95 24.13 20.77
N ILE D 51 -5.31 22.88 21.03
CA ILE D 51 -4.36 21.78 20.95
C ILE D 51 -4.90 20.78 19.93
N SER D 52 -4.13 20.56 18.87
CA SER D 52 -4.55 19.66 17.81
C SER D 52 -4.49 18.21 18.30
N SER D 53 -5.10 17.33 17.51
CA SER D 53 -5.04 15.91 17.80
C SER D 53 -3.61 15.40 17.64
N GLY D 54 -3.12 14.71 18.65
CA GLY D 54 -1.72 14.32 18.68
C GLY D 54 -0.80 15.31 19.36
N SER D 55 -1.30 16.47 19.77
CA SER D 55 -0.59 17.51 20.51
C SER D 55 0.52 18.16 19.71
N GLY D 56 0.63 17.87 18.42
CA GLY D 56 1.71 18.44 17.63
C GLY D 56 1.59 19.91 17.35
N THR D 57 0.37 20.45 17.37
CA THR D 57 0.12 21.84 17.06
C THR D 57 -0.66 22.48 18.20
N ILE D 58 -0.14 23.57 18.75
CA ILE D 58 -0.77 24.29 19.84
C ILE D 58 -0.80 25.77 19.48
N TYR D 59 -1.97 26.38 19.61
CA TYR D 59 -2.15 27.81 19.42
C TYR D 59 -2.77 28.42 20.67
N TYR D 60 -2.53 29.71 20.86
CA TYR D 60 -3.08 30.46 21.99
C TYR D 60 -3.62 31.78 21.49
N ALA D 61 -4.57 32.33 22.23
CA ALA D 61 -5.00 33.70 21.97
C ALA D 61 -3.86 34.65 22.31
N ASP D 62 -3.71 35.71 21.50
CA ASP D 62 -2.61 36.64 21.72
C ASP D 62 -2.69 37.29 23.10
N THR D 63 -3.89 37.40 23.66
CA THR D 63 -4.08 37.98 24.98
C THR D 63 -3.83 37.00 26.11
N VAL D 64 -3.52 35.74 25.80
CA VAL D 64 -3.34 34.73 26.84
C VAL D 64 -2.04 33.97 26.60
N LYS D 65 -1.43 34.15 25.43
CA LYS D 65 -0.25 33.39 25.07
C LYS D 65 0.89 33.67 26.04
N GLY D 66 1.50 32.60 26.54
CA GLY D 66 2.49 32.69 27.59
C GLY D 66 1.92 32.53 28.98
N ARG D 67 0.69 33.00 29.20
CA ARG D 67 0.02 32.83 30.48
C ARG D 67 -0.71 31.50 30.59
N PHE D 68 -1.57 31.18 29.63
CA PHE D 68 -2.31 29.94 29.72
C PHE D 68 -1.52 28.81 29.09
N THR D 69 -1.85 27.59 29.48
CA THR D 69 -1.24 26.41 28.87
C THR D 69 -2.30 25.35 28.62
N ILE D 70 -2.40 24.89 27.39
CA ILE D 70 -3.34 23.86 27.00
C ILE D 70 -2.59 22.54 26.86
N SER D 71 -3.19 21.48 27.41
CA SER D 71 -2.62 20.14 27.26
C SER D 71 -3.76 19.14 27.27
N ARG D 72 -3.52 18.00 26.62
CA ARG D 72 -4.51 16.94 26.54
C ARG D 72 -3.93 15.64 27.08
N ASP D 73 -4.80 14.80 27.62
CA ASP D 73 -4.44 13.47 28.09
C ASP D 73 -5.27 12.48 27.28
N ASP D 74 -4.74 12.07 26.13
CA ASP D 74 -5.47 11.17 25.25
C ASP D 74 -5.79 9.83 25.91
N PRO D 75 -4.88 9.16 26.60
CA PRO D 75 -5.29 7.96 27.34
C PRO D 75 -6.36 8.22 28.37
N LYS D 76 -6.31 9.38 29.03
CA LYS D 76 -7.31 9.74 30.03
C LYS D 76 -8.51 10.45 29.44
N ASN D 77 -8.47 10.79 28.15
CA ASN D 77 -9.54 11.52 27.46
C ASN D 77 -9.87 12.82 28.21
N THR D 78 -8.84 13.59 28.51
CA THR D 78 -8.97 14.82 29.26
C THR D 78 -8.22 15.94 28.58
N LEU D 79 -8.84 17.11 28.52
CA LEU D 79 -8.22 18.32 27.99
C LEU D 79 -8.03 19.32 29.12
N PHE D 80 -6.85 19.94 29.17
CA PHE D 80 -6.49 20.81 30.28
C PHE D 80 -6.25 22.23 29.80
N LEU D 81 -6.43 23.17 30.72
CA LEU D 81 -6.04 24.56 30.52
C LEU D 81 -5.47 25.06 31.84
N GLN D 82 -4.13 25.08 31.92
CA GLN D 82 -3.47 25.65 33.08
C GLN D 82 -3.42 27.16 32.93
N MET D 83 -3.92 27.87 33.93
CA MET D 83 -3.99 29.32 33.88
C MET D 83 -3.04 29.88 34.93
N THR D 84 -2.23 30.86 34.53
CA THR D 84 -1.31 31.52 35.45
C THR D 84 -1.49 33.04 35.33
N SER D 85 -1.22 33.72 36.44
CA SER D 85 -1.36 35.18 36.52
C SER D 85 -2.78 35.62 36.12
N LEU D 86 -3.77 35.05 36.79
CA LEU D 86 -5.17 35.20 36.40
C LEU D 86 -5.60 36.64 36.59
N ARG D 87 -5.72 37.37 35.48
CA ARG D 87 -6.15 38.76 35.51
C ARG D 87 -7.65 38.84 35.74
N SER D 88 -8.16 40.07 35.88
CA SER D 88 -9.60 40.27 35.94
C SER D 88 -10.25 39.98 34.59
N GLU D 89 -9.53 40.18 33.50
CA GLU D 89 -10.04 39.89 32.17
C GLU D 89 -10.26 38.41 31.93
N ASP D 90 -9.75 37.55 32.81
CA ASP D 90 -9.88 36.10 32.68
C ASP D 90 -11.15 35.56 33.31
N THR D 91 -12.02 36.41 33.83
CA THR D 91 -13.31 35.95 34.33
C THR D 91 -14.24 35.72 33.15
N ALA D 92 -14.74 34.49 33.03
CA ALA D 92 -15.53 34.07 31.89
C ALA D 92 -15.97 32.63 32.13
N MET D 93 -16.97 32.21 31.37
CA MET D 93 -17.31 30.80 31.28
C MET D 93 -16.47 30.19 30.17
N TYR D 94 -15.62 29.23 30.54
CA TYR D 94 -14.70 28.62 29.59
C TYR D 94 -15.32 27.36 29.03
N TYR D 95 -15.49 27.34 27.70
CA TYR D 95 -16.10 26.21 27.02
C TYR D 95 -15.03 25.37 26.36
N CYS D 96 -15.10 24.06 26.58
CA CYS D 96 -14.26 23.11 25.87
C CYS D 96 -14.97 22.70 24.58
N VAL D 97 -14.33 22.90 23.44
CA VAL D 97 -14.95 22.72 22.14
C VAL D 97 -14.26 21.56 21.42
N ARG D 98 -15.06 20.56 21.08
CA ARG D 98 -14.63 19.48 20.20
C ARG D 98 -14.41 20.01 18.80
N SER D 99 -13.41 19.47 18.11
CA SER D 99 -13.13 19.91 16.74
C SER D 99 -12.26 18.89 16.04
N ILE D 100 -12.66 18.48 14.84
CA ILE D 100 -11.87 17.56 14.03
C ILE D 100 -11.70 18.18 12.66
N TYR D 101 -10.56 17.89 12.03
CA TYR D 101 -10.19 18.52 10.77
C TYR D 101 -9.77 17.47 9.77
N TYR D 102 -10.61 17.25 8.77
CA TYR D 102 -10.27 16.55 7.55
C TYR D 102 -11.19 17.09 6.47
N TYR D 103 -10.99 16.64 5.24
CA TYR D 103 -11.84 17.11 4.16
C TYR D 103 -13.30 16.80 4.46
N GLY D 104 -14.12 17.83 4.54
CA GLY D 104 -15.54 17.67 4.78
C GLY D 104 -15.93 17.60 6.24
N SER D 105 -14.98 17.61 7.16
CA SER D 105 -15.31 17.56 8.57
C SER D 105 -15.99 18.85 9.00
N SER D 106 -16.72 18.76 10.11
CA SER D 106 -17.42 19.88 10.71
C SER D 106 -16.75 20.24 12.02
N PRO D 107 -15.76 21.13 12.02
CA PRO D 107 -15.13 21.54 13.28
C PRO D 107 -16.10 22.31 14.16
N PHE D 108 -15.79 22.33 15.45
CA PHE D 108 -16.56 23.08 16.45
C PHE D 108 -17.98 22.54 16.58
N ASP D 109 -18.17 21.26 16.25
CA ASP D 109 -19.50 20.69 16.21
C ASP D 109 -20.08 20.39 17.59
N PHE D 110 -19.25 20.01 18.56
CA PHE D 110 -19.74 19.73 19.90
C PHE D 110 -19.00 20.60 20.92
N TRP D 111 -19.75 21.18 21.84
CA TRP D 111 -19.23 22.06 22.87
C TRP D 111 -19.57 21.50 24.24
N GLY D 112 -18.65 21.69 25.19
CA GLY D 112 -18.92 21.28 26.54
C GLY D 112 -19.82 22.26 27.29
N GLN D 113 -20.25 21.84 28.48
CA GLN D 113 -21.13 22.69 29.27
C GLN D 113 -20.40 23.92 29.81
N GLY D 114 -19.11 23.80 30.10
CA GLY D 114 -18.30 24.91 30.53
C GLY D 114 -18.25 25.07 32.03
N THR D 115 -17.23 25.80 32.48
CA THR D 115 -17.08 26.17 33.89
C THR D 115 -16.82 27.66 34.00
N THR D 116 -17.43 28.28 35.00
CA THR D 116 -17.21 29.69 35.27
C THR D 116 -15.98 29.87 36.14
N LEU D 117 -15.04 30.69 35.68
CA LEU D 117 -13.90 31.10 36.47
C LEU D 117 -14.09 32.56 36.83
N THR D 118 -14.09 32.86 38.12
CA THR D 118 -14.32 34.21 38.62
C THR D 118 -13.04 34.74 39.23
N VAL D 119 -12.61 35.92 38.78
CA VAL D 119 -11.41 36.57 39.28
C VAL D 119 -11.82 37.90 39.90
N SER D 120 -11.45 38.10 41.16
CA SER D 120 -11.75 39.34 41.86
C SER D 120 -10.60 40.32 41.67
N SER D 121 -10.63 41.42 42.42
CA SER D 121 -9.57 42.42 42.34
C SER D 121 -8.71 42.41 43.60
N SER D 136 -3.62 42.38 13.15
CA SER D 136 -3.45 41.35 12.14
C SER D 136 -4.56 40.30 12.22
N ASP D 137 -5.10 40.12 13.43
CA ASP D 137 -6.23 39.22 13.62
C ASP D 137 -7.42 39.71 12.79
N ILE D 138 -8.13 38.78 12.18
CA ILE D 138 -9.30 39.14 11.40
C ILE D 138 -10.39 39.62 12.33
N VAL D 139 -10.92 40.81 12.05
CA VAL D 139 -12.03 41.35 12.83
C VAL D 139 -13.34 40.79 12.28
N MET D 140 -14.13 40.19 13.16
CA MET D 140 -15.39 39.58 12.79
C MET D 140 -16.50 40.46 13.35
N THR D 141 -17.27 41.07 12.46
CA THR D 141 -18.23 42.10 12.83
C THR D 141 -19.64 41.62 12.52
N GLN D 142 -20.48 41.63 13.55
CA GLN D 142 -21.93 41.45 13.41
C GLN D 142 -22.60 42.47 14.33
N ALA D 143 -22.92 43.64 13.76
CA ALA D 143 -23.38 44.77 14.54
C ALA D 143 -24.81 44.58 15.02
N THR D 144 -25.63 43.83 14.29
CA THR D 144 -26.99 43.57 14.72
C THR D 144 -27.00 42.88 16.07
N SER D 145 -27.91 43.33 16.94
CA SER D 145 -28.03 42.78 18.29
C SER D 145 -29.46 42.95 18.77
N SER D 146 -29.90 42.02 19.61
CA SER D 146 -31.26 42.05 20.16
C SER D 146 -32.30 42.16 19.05
N VAL D 147 -32.11 41.41 17.99
CA VAL D 147 -33.05 41.44 16.86
C VAL D 147 -34.40 40.90 17.32
N PRO D 148 -35.52 41.60 17.09
CA PRO D 148 -36.83 41.10 17.51
C PRO D 148 -37.39 40.13 16.49
N VAL D 149 -37.87 38.98 16.96
CA VAL D 149 -38.37 37.94 16.09
C VAL D 149 -39.71 37.44 16.62
N THR D 150 -40.52 36.89 15.72
CA THR D 150 -41.74 36.19 16.07
C THR D 150 -41.73 34.85 15.36
N PRO D 151 -42.30 33.80 15.99
CA PRO D 151 -42.22 32.46 15.40
C PRO D 151 -42.86 32.42 14.01
N GLY D 152 -42.20 31.67 13.12
CA GLY D 152 -42.66 31.54 11.75
C GLY D 152 -42.07 32.54 10.78
N GLU D 153 -41.35 33.56 11.26
CA GLU D 153 -40.79 34.58 10.40
C GLU D 153 -39.39 34.23 9.96
N SER D 154 -38.97 34.83 8.84
CA SER D 154 -37.65 34.59 8.27
C SER D 154 -36.73 35.75 8.65
N VAL D 155 -35.60 35.41 9.25
CA VAL D 155 -34.60 36.39 9.68
C VAL D 155 -33.27 36.06 9.02
N SER D 156 -32.54 37.10 8.64
CA SER D 156 -31.22 36.96 8.03
C SER D 156 -30.22 37.70 8.89
N ILE D 157 -29.48 36.95 9.72
CA ILE D 157 -28.42 37.51 10.54
C ILE D 157 -27.22 37.81 9.67
N SER D 158 -26.68 39.02 9.79
CA SER D 158 -25.56 39.45 8.96
C SER D 158 -24.25 39.28 9.70
N CYS D 159 -23.16 39.26 8.95
CA CYS D 159 -21.83 39.11 9.52
C CYS D 159 -20.81 39.70 8.56
N ARG D 160 -19.79 40.34 9.13
CA ARG D 160 -18.74 40.99 8.35
C ARG D 160 -17.39 40.43 8.76
N SER D 161 -16.45 40.48 7.81
CA SER D 161 -15.07 40.06 8.03
C SER D 161 -14.14 41.17 7.59
N SER D 162 -13.08 41.40 8.38
CA SER D 162 -12.08 42.40 8.00
C SER D 162 -11.25 41.94 6.81
N LYS D 163 -11.13 40.64 6.59
CA LYS D 163 -10.41 40.08 5.46
C LYS D 163 -11.28 39.00 4.83
N SER D 164 -11.14 38.83 3.51
CA SER D 164 -11.90 37.81 2.80
C SER D 164 -11.71 36.43 3.44
N LEU D 165 -12.79 35.89 4.00
CA LEU D 165 -12.72 34.56 4.61
C LEU D 165 -12.60 33.46 3.57
N LEU D 166 -12.91 33.76 2.32
CA LEU D 166 -12.72 32.78 1.25
C LEU D 166 -11.24 32.51 1.04
N HIS D 167 -10.89 31.24 1.00
CA HIS D 167 -9.53 30.80 0.68
C HIS D 167 -9.46 30.39 -0.78
N SER D 168 -8.23 30.30 -1.30
CA SER D 168 -8.03 29.88 -2.67
C SER D 168 -8.46 28.43 -2.91
N ASN D 169 -8.67 27.65 -1.85
CA ASN D 169 -9.19 26.29 -2.00
C ASN D 169 -10.69 26.26 -2.27
N GLY D 170 -11.38 27.39 -2.19
CA GLY D 170 -12.81 27.46 -2.37
C GLY D 170 -13.60 27.51 -1.09
N ASN D 171 -13.01 27.13 0.02
CA ASN D 171 -13.71 27.15 1.30
C ASN D 171 -13.82 28.57 1.83
N THR D 172 -14.93 28.85 2.50
CA THR D 172 -15.11 30.09 3.24
C THR D 172 -15.24 29.72 4.72
N TYR D 173 -14.23 30.07 5.49
CA TYR D 173 -14.14 29.63 6.88
C TYR D 173 -14.86 30.61 7.80
N LEU D 174 -16.19 30.56 7.72
CA LEU D 174 -17.06 31.23 8.69
C LEU D 174 -18.00 30.21 9.32
N TYR D 175 -18.12 30.30 10.64
CA TYR D 175 -18.95 29.42 11.42
C TYR D 175 -20.11 30.19 12.03
N TRP D 176 -21.22 29.48 12.24
CA TRP D 176 -22.38 30.04 12.89
C TRP D 176 -22.70 29.17 14.11
N PHE D 177 -22.70 29.79 15.29
CA PHE D 177 -23.05 29.10 16.52
C PHE D 177 -24.28 29.76 17.12
N LEU D 178 -25.09 28.93 17.78
CA LEU D 178 -26.26 29.39 18.49
C LEU D 178 -26.02 29.19 19.98
N GLN D 179 -25.93 30.29 20.72
CA GLN D 179 -25.79 30.27 22.17
C GLN D 179 -27.18 30.50 22.75
N ARG D 180 -27.91 29.41 22.93
CA ARG D 180 -29.24 29.49 23.54
C ARG D 180 -29.10 29.82 25.01
N PRO D 181 -30.11 30.46 25.60
CA PRO D 181 -29.99 30.94 26.99
C PRO D 181 -29.68 29.80 27.97
N GLY D 182 -28.53 29.92 28.62
CA GLY D 182 -28.18 29.03 29.71
C GLY D 182 -27.52 27.72 29.34
N GLN D 183 -27.20 27.51 28.07
CA GLN D 183 -26.52 26.29 27.66
C GLN D 183 -25.36 26.63 26.73
N SER D 184 -24.68 25.58 26.25
CA SER D 184 -23.47 25.74 25.47
C SER D 184 -23.77 26.20 24.06
N PRO D 185 -22.79 26.85 23.40
CA PRO D 185 -22.94 27.14 21.97
C PRO D 185 -23.07 25.85 21.17
N GLN D 186 -23.80 25.94 20.07
CA GLN D 186 -24.10 24.77 19.25
C GLN D 186 -23.89 25.16 17.81
N LEU D 187 -23.10 24.36 17.08
CA LEU D 187 -22.75 24.68 15.71
C LEU D 187 -23.98 24.60 14.81
N LEU D 188 -24.15 25.61 13.96
CA LEU D 188 -25.21 25.64 12.97
C LEU D 188 -24.65 25.51 11.55
N ILE D 189 -23.76 26.40 11.17
CA ILE D 189 -23.12 26.40 9.86
C ILE D 189 -21.62 26.35 10.10
N TYR D 190 -20.98 25.25 9.68
CA TYR D 190 -19.55 25.12 9.97
C TYR D 190 -18.66 25.85 8.97
N ARG D 191 -18.69 25.49 7.70
CA ARG D 191 -18.06 26.34 6.70
C ARG D 191 -19.18 26.99 5.92
N MET D 192 -19.05 28.28 5.65
CA MET D 192 -20.15 29.10 5.15
C MET D 192 -20.99 28.34 4.14
N SER D 193 -22.29 28.23 4.40
CA SER D 193 -23.27 27.47 3.63
C SER D 193 -23.23 25.97 3.87
N ASN D 194 -22.66 25.50 4.98
CA ASN D 194 -22.65 24.08 5.31
C ASN D 194 -23.42 23.86 6.60
N LEU D 195 -24.49 23.08 6.53
CA LEU D 195 -25.37 22.86 7.66
C LEU D 195 -24.83 21.75 8.56
N ALA D 196 -24.78 22.01 9.86
CA ALA D 196 -24.25 21.03 10.81
C ALA D 196 -25.27 19.91 11.04
N SER D 197 -24.75 18.78 11.52
CA SER D 197 -25.61 17.63 11.78
C SER D 197 -26.50 17.90 12.98
N GLY D 198 -27.76 17.46 12.89
CA GLY D 198 -28.73 17.70 13.92
C GLY D 198 -29.40 19.06 13.85
N VAL D 199 -28.97 19.92 12.95
CA VAL D 199 -29.55 21.24 12.76
C VAL D 199 -30.59 21.14 11.65
N PRO D 200 -31.85 21.52 11.89
CA PRO D 200 -32.87 21.42 10.85
C PRO D 200 -32.54 22.33 9.66
N ASP D 201 -32.97 21.90 8.48
CA ASP D 201 -32.68 22.68 7.28
C ASP D 201 -33.66 23.84 7.10
N ARG D 202 -33.88 24.60 8.16
CA ARG D 202 -34.42 25.95 8.10
C ARG D 202 -33.35 27.00 8.32
N PHE D 203 -32.28 26.62 9.03
CA PHE D 203 -31.08 27.43 9.06
C PHE D 203 -30.33 27.29 7.74
N SER D 204 -29.77 28.38 7.27
CA SER D 204 -28.99 28.36 6.04
C SER D 204 -27.88 29.39 6.18
N GLY D 205 -26.77 29.12 5.51
CA GLY D 205 -25.64 30.02 5.48
C GLY D 205 -25.36 30.46 4.05
N SER D 206 -24.96 31.71 3.90
CA SER D 206 -24.63 32.23 2.58
C SER D 206 -23.77 33.46 2.76
N GLY D 207 -23.10 33.84 1.69
CA GLY D 207 -22.22 34.99 1.71
C GLY D 207 -21.25 34.93 0.56
N SER D 208 -20.34 35.90 0.55
CA SER D 208 -19.28 35.94 -0.43
C SER D 208 -18.23 36.94 0.06
N GLY D 209 -16.96 36.62 -0.17
CA GLY D 209 -15.92 37.53 0.24
C GLY D 209 -15.84 37.73 1.73
N THR D 210 -16.31 38.90 2.19
CA THR D 210 -16.24 39.29 3.59
C THR D 210 -17.58 39.42 4.27
N ALA D 211 -18.68 39.36 3.52
CA ALA D 211 -20.01 39.54 4.08
C ALA D 211 -20.80 38.23 3.99
N PHE D 212 -21.46 37.88 5.08
CA PHE D 212 -22.15 36.60 5.19
C PHE D 212 -23.45 36.78 5.95
N THR D 213 -24.43 35.94 5.63
CA THR D 213 -25.74 36.00 6.24
C THR D 213 -26.19 34.62 6.70
N LEU D 214 -26.76 34.57 7.91
CA LEU D 214 -27.37 33.37 8.45
C LEU D 214 -28.88 33.53 8.35
N THR D 215 -29.52 32.70 7.52
CA THR D 215 -30.94 32.80 7.26
C THR D 215 -31.67 31.70 8.01
N ILE D 216 -32.68 32.08 8.79
CA ILE D 216 -33.57 31.15 9.47
C ILE D 216 -34.90 31.22 8.74
N SER D 217 -35.26 30.14 8.04
CA SER D 217 -36.42 30.17 7.14
C SER D 217 -37.71 30.42 7.92
N ARG D 218 -37.97 29.60 8.94
CA ARG D 218 -39.20 29.71 9.74
C ARG D 218 -38.82 29.43 11.19
N LEU D 219 -38.50 30.48 11.93
CA LEU D 219 -37.92 30.31 13.25
C LEU D 219 -38.97 29.89 14.27
N GLU D 220 -38.58 28.99 15.16
CA GLU D 220 -39.40 28.56 16.28
C GLU D 220 -38.90 29.19 17.57
N ALA D 221 -39.57 28.87 18.68
CA ALA D 221 -39.18 29.40 19.97
C ALA D 221 -37.85 28.84 20.45
N GLU D 222 -37.44 27.67 19.93
CA GLU D 222 -36.13 27.12 20.27
C GLU D 222 -34.99 27.85 19.57
N ASP D 223 -35.27 28.52 18.44
CA ASP D 223 -34.24 29.24 17.71
C ASP D 223 -33.85 30.54 18.40
N VAL D 224 -34.40 30.82 19.56
CA VAL D 224 -34.09 32.04 20.29
C VAL D 224 -32.77 31.86 21.02
N GLY D 225 -31.87 32.84 20.85
CA GLY D 225 -30.58 32.78 21.48
C GLY D 225 -29.69 33.87 20.94
N VAL D 226 -28.38 33.68 21.09
CA VAL D 226 -27.39 34.61 20.59
C VAL D 226 -26.58 33.89 19.53
N TYR D 227 -26.54 34.44 18.32
CA TYR D 227 -25.92 33.80 17.17
C TYR D 227 -24.55 34.42 16.94
N TYR D 228 -23.54 33.57 16.80
CA TYR D 228 -22.15 34.02 16.77
C TYR D 228 -21.51 33.67 15.44
N CYS D 229 -20.71 34.62 14.93
CA CYS D 229 -19.78 34.35 13.86
C CYS D 229 -18.51 33.74 14.42
N MET D 230 -17.74 33.14 13.53
CA MET D 230 -16.37 32.73 13.86
C MET D 230 -15.65 32.47 12.56
N GLN D 231 -14.54 33.15 12.35
CA GLN D 231 -13.66 32.83 11.24
C GLN D 231 -12.71 31.72 11.66
N HIS D 232 -12.25 30.96 10.68
CA HIS D 232 -11.26 29.90 10.91
C HIS D 232 -10.19 29.90 9.85
N LEU D 233 -9.95 31.03 9.19
CA LEU D 233 -9.04 31.09 8.04
C LEU D 233 -7.58 31.17 8.49
N GLU D 234 -7.19 32.30 9.06
CA GLU D 234 -5.94 32.42 9.78
C GLU D 234 -6.22 31.92 11.19
N TYR D 235 -5.21 31.82 12.05
CA TYR D 235 -5.77 30.95 13.07
C TYR D 235 -5.75 31.89 14.28
N PRO D 236 -6.10 33.16 14.08
CA PRO D 236 -6.50 33.98 15.23
C PRO D 236 -8.01 33.98 15.36
N LEU D 237 -8.58 32.87 15.81
CA LEU D 237 -10.02 32.68 15.85
C LEU D 237 -10.72 33.80 16.60
N THR D 238 -11.53 34.56 15.86
CA THR D 238 -12.23 35.71 16.38
C THR D 238 -13.73 35.53 16.14
N PHE D 239 -14.52 35.91 17.13
CA PHE D 239 -15.96 35.81 17.06
C PHE D 239 -16.57 37.18 16.77
N GLY D 240 -17.76 37.16 16.19
CA GLY D 240 -18.56 38.36 16.15
C GLY D 240 -19.15 38.67 17.51
N ALA D 241 -19.57 39.92 17.70
CA ALA D 241 -20.28 40.31 18.90
C ALA D 241 -21.72 39.83 18.75
N GLY D 242 -22.08 38.80 19.51
CA GLY D 242 -23.27 38.02 19.28
C GLY D 242 -24.53 38.75 18.87
N THR D 243 -25.26 38.18 17.90
CA THR D 243 -26.50 38.75 17.39
C THR D 243 -27.66 38.08 18.11
N LYS D 244 -28.13 38.70 19.19
CA LYS D 244 -29.18 38.12 20.00
C LYS D 244 -30.52 38.19 19.28
N LEU D 245 -31.23 37.07 19.25
CA LEU D 245 -32.60 37.01 18.78
C LEU D 245 -33.50 36.71 19.96
N GLU D 246 -34.58 37.50 20.10
CA GLU D 246 -35.45 37.40 21.25
C GLU D 246 -36.89 37.52 20.82
N LEU D 247 -37.77 36.86 21.57
CA LEU D 247 -39.20 36.96 21.31
C LEU D 247 -39.80 38.16 22.03
N SER E 161 52.57 10.46 -26.02
CA SER E 161 53.44 10.81 -24.90
C SER E 161 53.27 9.83 -23.74
N TYR E 162 54.35 9.60 -23.00
CA TYR E 162 54.27 8.71 -21.85
C TYR E 162 53.42 9.32 -20.74
N GLN E 163 53.41 10.64 -20.64
CA GLN E 163 52.53 11.31 -19.68
C GLN E 163 51.07 11.29 -20.15
N VAL E 164 50.85 11.45 -21.44
CA VAL E 164 49.49 11.52 -21.97
C VAL E 164 48.81 10.15 -21.89
N ILE E 165 49.55 9.08 -22.16
CA ILE E 165 48.96 7.74 -22.08
C ILE E 165 48.60 7.42 -20.63
N THR E 166 49.47 7.78 -19.69
CA THR E 166 49.14 7.59 -18.27
C THR E 166 47.91 8.39 -17.88
N SER E 167 47.84 9.65 -18.35
CA SER E 167 46.68 10.47 -18.06
C SER E 167 45.41 9.85 -18.62
N LEU E 168 45.49 9.29 -19.83
CA LEU E 168 44.31 8.70 -20.46
C LEU E 168 43.85 7.46 -19.72
N LEU E 169 44.78 6.57 -19.36
CA LEU E 169 44.39 5.38 -18.60
C LEU E 169 43.80 5.76 -17.24
N LEU E 170 44.44 6.67 -16.52
CA LEU E 170 43.92 7.06 -15.21
C LEU E 170 42.57 7.75 -15.33
N GLY E 171 42.40 8.60 -16.36
CA GLY E 171 41.12 9.27 -16.54
C GLY E 171 40.01 8.32 -16.92
N THR E 172 40.30 7.35 -17.77
CA THR E 172 39.30 6.34 -18.08
C THR E 172 38.94 5.52 -16.85
N LEU E 173 39.93 5.16 -16.04
CA LEU E 173 39.65 4.43 -14.81
C LEU E 173 38.77 5.24 -13.88
N ILE E 174 39.08 6.53 -13.71
CA ILE E 174 38.29 7.39 -12.84
C ILE E 174 36.87 7.54 -13.37
N PHE E 175 36.73 7.73 -14.68
CA PHE E 175 35.40 7.87 -15.26
C PHE E 175 34.59 6.60 -15.08
N CYS E 176 35.20 5.44 -15.28
CA CYS E 176 34.49 4.18 -15.10
C CYS E 176 34.08 3.98 -13.64
N ALA E 177 34.96 4.32 -12.70
CA ALA E 177 34.60 4.21 -11.29
C ALA E 177 33.46 5.15 -10.94
N VAL E 178 33.56 6.41 -11.35
CA VAL E 178 32.51 7.38 -11.06
C VAL E 178 31.18 6.92 -11.65
N LEU E 179 31.21 6.46 -12.90
CA LEU E 179 30.00 6.01 -13.56
C LEU E 179 29.40 4.80 -12.86
N GLY E 180 30.24 3.82 -12.50
CA GLY E 180 29.73 2.63 -11.84
C GLY E 180 29.06 2.94 -10.52
N ASN E 181 29.72 3.73 -9.67
CA ASN E 181 29.13 3.99 -8.36
C ASN E 181 27.95 4.96 -8.45
N ALA E 182 28.03 5.95 -9.33
CA ALA E 182 26.88 6.83 -9.53
C ALA E 182 25.68 6.05 -10.05
N CYS E 183 25.91 5.08 -10.93
CA CYS E 183 24.82 4.27 -11.44
C CYS E 183 24.24 3.37 -10.36
N VAL E 184 25.09 2.85 -9.46
CA VAL E 184 24.57 2.05 -8.36
C VAL E 184 23.68 2.90 -7.46
N VAL E 185 24.14 4.10 -7.12
CA VAL E 185 23.36 4.99 -6.27
C VAL E 185 22.05 5.39 -6.96
N ALA E 186 22.13 5.66 -8.26
CA ALA E 186 20.93 6.03 -9.01
C ALA E 186 19.94 4.88 -9.07
N ALA E 187 20.43 3.65 -9.24
CA ALA E 187 19.55 2.49 -9.27
C ALA E 187 18.85 2.31 -7.92
N ILE E 188 19.57 2.54 -6.83
CA ILE E 188 18.95 2.37 -5.52
C ILE E 188 17.93 3.48 -5.27
N ALA E 189 18.25 4.71 -5.66
CA ALA E 189 17.31 5.81 -5.43
C ALA E 189 16.09 5.74 -6.33
N LEU E 190 16.25 5.23 -7.55
CA LEU E 190 15.19 5.26 -8.55
C LEU E 190 14.37 3.97 -8.61
N GLU E 191 14.74 2.95 -7.85
CA GLU E 191 13.98 1.71 -7.76
C GLU E 191 13.79 1.38 -6.29
N ARG E 192 12.54 1.16 -5.87
CA ARG E 192 12.30 0.87 -4.46
C ARG E 192 12.39 -0.61 -4.14
N SER E 193 12.49 -1.46 -5.16
CA SER E 193 12.83 -2.86 -4.94
C SER E 193 14.28 -3.05 -4.52
N LEU E 194 15.10 -2.01 -4.65
CA LEU E 194 16.47 -2.02 -4.18
C LEU E 194 16.65 -1.31 -2.85
N GLN E 195 15.57 -0.82 -2.24
CA GLN E 195 15.69 -0.02 -1.02
C GLN E 195 15.44 -0.94 0.18
N ASN E 196 16.50 -1.65 0.56
CA ASN E 196 16.48 -2.54 1.70
C ASN E 196 17.85 -2.50 2.37
N VAL E 197 17.95 -3.14 3.53
CA VAL E 197 19.15 -2.99 4.38
C VAL E 197 20.40 -3.42 3.63
N ALA E 198 20.36 -4.59 3.00
CA ALA E 198 21.54 -5.09 2.29
C ALA E 198 21.92 -4.15 1.16
N ASN E 199 20.94 -3.71 0.38
CA ASN E 199 21.26 -2.81 -0.71
C ASN E 199 21.52 -1.39 -0.20
N TYR E 200 21.00 -1.02 0.97
CA TYR E 200 21.44 0.24 1.57
C TYR E 200 22.93 0.20 1.88
N LEU E 201 23.42 -0.92 2.41
CA LEU E 201 24.85 -1.07 2.64
C LEU E 201 25.63 -1.05 1.32
N ILE E 202 25.13 -1.76 0.31
CA ILE E 202 25.82 -1.82 -0.97
C ILE E 202 25.88 -0.43 -1.60
N GLY E 203 24.79 0.31 -1.57
CA GLY E 203 24.77 1.65 -2.12
C GLY E 203 25.52 2.67 -1.31
N SER E 204 25.66 2.45 0.00
CA SER E 204 26.53 3.31 0.78
C SER E 204 27.99 3.02 0.48
N LEU E 205 28.33 1.76 0.23
CA LEU E 205 29.67 1.45 -0.27
C LEU E 205 29.90 2.11 -1.62
N ALA E 206 28.88 2.11 -2.47
CA ALA E 206 28.97 2.82 -3.74
C ALA E 206 29.13 4.32 -3.55
N VAL E 207 28.44 4.88 -2.55
CA VAL E 207 28.59 6.30 -2.24
C VAL E 207 30.01 6.60 -1.78
N THR E 208 30.55 5.76 -0.91
CA THR E 208 31.91 5.94 -0.42
C THR E 208 32.92 5.83 -1.55
N ASP E 209 32.74 4.85 -2.44
CA ASP E 209 33.67 4.70 -3.55
C ASP E 209 33.50 5.80 -4.58
N LEU E 210 32.29 6.35 -4.71
CA LEU E 210 32.11 7.54 -5.53
C LEU E 210 32.83 8.73 -4.92
N MET E 211 32.79 8.85 -3.59
CA MET E 211 33.57 9.89 -2.93
C MET E 211 35.05 9.69 -3.20
N VAL E 212 35.53 8.44 -3.16
CA VAL E 212 36.92 8.17 -3.53
C VAL E 212 37.16 8.63 -4.96
N SER E 213 36.30 8.20 -5.88
CA SER E 213 36.54 8.38 -7.30
C SER E 213 36.42 9.83 -7.75
N VAL E 214 35.76 10.68 -6.96
CA VAL E 214 35.59 12.08 -7.34
C VAL E 214 36.43 13.03 -6.50
N LEU E 215 36.88 12.62 -5.31
CA LEU E 215 37.64 13.51 -4.44
C LEU E 215 39.08 13.05 -4.20
N VAL E 216 39.48 11.87 -4.67
CA VAL E 216 40.82 11.38 -4.44
C VAL E 216 41.44 10.98 -5.77
N LEU E 217 40.72 10.15 -6.52
CA LEU E 217 41.24 9.65 -7.80
C LEU E 217 41.61 10.73 -8.79
N PRO E 218 40.83 11.80 -9.01
CA PRO E 218 41.34 12.86 -9.89
C PRO E 218 42.62 13.50 -9.39
N MET E 219 42.70 13.78 -8.09
CA MET E 219 43.89 14.40 -7.54
C MET E 219 45.06 13.44 -7.53
N ALA E 220 44.82 12.17 -7.16
CA ALA E 220 45.88 11.17 -7.22
C ALA E 220 46.35 10.95 -8.64
N ALA E 221 45.45 11.04 -9.62
CA ALA E 221 45.82 10.91 -11.01
C ALA E 221 46.68 12.09 -11.47
N LEU E 222 46.33 13.30 -11.05
CA LEU E 222 47.16 14.45 -11.39
C LEU E 222 48.53 14.33 -10.74
N TYR E 223 48.57 13.85 -9.49
CA TYR E 223 49.84 13.64 -8.81
C TYR E 223 50.69 12.59 -9.52
N GLN E 224 50.05 11.53 -10.01
CA GLN E 224 50.78 10.51 -10.76
C GLN E 224 51.26 11.04 -12.10
N VAL E 225 50.44 11.84 -12.77
CA VAL E 225 50.76 12.31 -14.12
C VAL E 225 51.89 13.33 -14.07
N LEU E 226 51.77 14.32 -13.19
CA LEU E 226 52.81 15.33 -13.08
C LEU E 226 53.98 14.90 -12.21
N ASN E 227 53.89 13.72 -11.60
CA ASN E 227 54.95 13.13 -10.78
C ASN E 227 55.31 13.99 -9.57
N LYS E 228 54.53 15.03 -9.28
CA LYS E 228 54.83 15.91 -8.17
C LYS E 228 53.53 16.49 -7.64
N TRP E 229 53.59 16.99 -6.41
CA TRP E 229 52.44 17.62 -5.77
C TRP E 229 52.45 19.10 -6.11
N THR E 230 51.73 19.44 -7.19
CA THR E 230 51.67 20.83 -7.65
C THR E 230 50.83 21.72 -6.76
N LEU E 231 50.15 21.16 -5.76
CA LEU E 231 49.34 21.94 -4.83
C LEU E 231 50.19 22.35 -3.64
N GLY E 232 49.55 22.86 -2.58
CA GLY E 232 50.27 23.33 -1.42
C GLY E 232 50.69 22.22 -0.48
N GLN E 233 50.53 22.44 0.81
CA GLN E 233 50.82 21.41 1.80
C GLN E 233 49.66 21.15 2.74
N VAL E 234 48.93 22.20 3.13
CA VAL E 234 47.70 21.99 3.89
C VAL E 234 46.69 21.23 3.05
N THR E 235 46.60 21.55 1.76
CA THR E 235 45.75 20.79 0.87
C THR E 235 46.29 19.38 0.63
N CYS E 236 47.61 19.19 0.70
CA CYS E 236 48.16 17.84 0.64
C CYS E 236 47.69 17.02 1.82
N ASP E 237 47.76 17.58 3.02
CA ASP E 237 47.28 16.87 4.20
C ASP E 237 45.78 16.63 4.12
N LEU E 238 45.04 17.61 3.60
CA LEU E 238 43.60 17.45 3.42
C LEU E 238 43.30 16.28 2.50
N PHE E 239 44.03 16.18 1.39
CA PHE E 239 43.72 15.13 0.43
C PHE E 239 44.24 13.77 0.87
N ILE E 240 45.32 13.73 1.65
CA ILE E 240 45.73 12.48 2.28
C ILE E 240 44.68 12.03 3.27
N ALA E 241 44.11 12.96 4.04
CA ALA E 241 43.03 12.61 4.95
C ALA E 241 41.82 12.10 4.20
N LEU E 242 41.47 12.75 3.08
CA LEU E 242 40.37 12.26 2.25
C LEU E 242 40.65 10.85 1.75
N ASP E 243 41.86 10.61 1.26
CA ASP E 243 42.23 9.30 0.74
C ASP E 243 42.08 8.24 1.82
N VAL E 244 42.67 8.47 2.99
CA VAL E 244 42.62 7.50 4.07
C VAL E 244 41.19 7.30 4.55
N LEU E 245 40.44 8.39 4.74
CA LEU E 245 39.06 8.30 5.19
C LEU E 245 38.22 7.48 4.24
N CYS E 246 38.28 7.79 2.95
CA CYS E 246 37.39 7.17 1.99
C CYS E 246 37.78 5.72 1.72
N CYS E 247 39.07 5.42 1.67
CA CYS E 247 39.50 4.04 1.45
C CYS E 247 39.21 3.17 2.66
N THR E 248 39.47 3.68 3.86
CA THR E 248 39.11 2.96 5.07
C THR E 248 37.61 2.71 5.11
N SER E 249 36.83 3.71 4.72
CA SER E 249 35.38 3.58 4.74
C SER E 249 34.91 2.54 3.72
N SER E 250 35.55 2.48 2.56
CA SER E 250 35.21 1.45 1.57
C SER E 250 35.50 0.06 2.11
N ILE E 251 36.68 -0.13 2.70
CA ILE E 251 37.03 -1.45 3.21
C ILE E 251 36.09 -1.85 4.34
N TRP E 252 35.73 -0.90 5.19
CA TRP E 252 34.81 -1.21 6.26
C TRP E 252 33.37 -1.35 5.80
N HIS E 253 32.98 -0.76 4.66
CA HIS E 253 31.71 -1.16 4.05
C HIS E 253 31.76 -2.59 3.55
N LEU E 254 32.88 -3.03 3.00
CA LEU E 254 33.01 -4.46 2.71
C LEU E 254 32.78 -5.28 3.96
N CYS E 255 33.36 -4.84 5.08
CA CYS E 255 33.16 -5.56 6.34
C CYS E 255 31.72 -5.48 6.83
N ALA E 256 31.07 -4.34 6.67
CA ALA E 256 29.68 -4.20 7.10
C ALA E 256 28.75 -5.05 6.25
N ILE E 257 29.00 -5.13 4.95
CA ILE E 257 28.23 -6.01 4.08
C ILE E 257 28.45 -7.47 4.49
N ALA E 258 29.69 -7.84 4.78
CA ALA E 258 29.97 -9.20 5.26
C ALA E 258 29.24 -9.49 6.56
N LEU E 259 29.26 -8.53 7.50
CA LEU E 259 28.61 -8.74 8.80
C LEU E 259 27.10 -8.84 8.66
N ASP E 260 26.50 -7.99 7.82
CA ASP E 260 25.08 -8.05 7.58
C ASP E 260 24.69 -9.37 6.94
N ARG E 261 25.48 -9.84 5.97
CA ARG E 261 25.23 -11.14 5.36
C ARG E 261 25.39 -12.27 6.37
N TYR E 262 26.40 -12.18 7.23
CA TYR E 262 26.62 -13.21 8.24
C TYR E 262 25.45 -13.28 9.20
N TRP E 263 24.91 -12.13 9.60
CA TRP E 263 23.76 -12.12 10.50
C TRP E 263 22.51 -12.62 9.79
N ALA E 264 22.34 -12.27 8.51
CA ALA E 264 21.20 -12.77 7.75
C ALA E 264 21.25 -14.28 7.61
N ILE E 265 22.44 -14.83 7.43
CA ILE E 265 22.60 -16.24 7.15
C ILE E 265 22.63 -17.10 8.41
N THR E 266 23.14 -16.57 9.52
CA THR E 266 23.25 -17.34 10.75
C THR E 266 22.20 -16.98 11.79
N ASP E 267 21.51 -15.86 11.61
CA ASP E 267 20.49 -15.40 12.55
C ASP E 267 19.24 -15.00 11.78
N PRO E 268 18.49 -15.99 11.26
CA PRO E 268 17.27 -15.64 10.52
C PRO E 268 16.18 -15.01 11.38
N ILE E 269 16.11 -15.36 12.66
CA ILE E 269 15.14 -14.74 13.55
C ILE E 269 15.40 -13.25 13.69
N ASP E 270 16.68 -12.88 13.86
CA ASP E 270 17.05 -11.48 13.85
C ASP E 270 16.79 -10.82 12.51
N TYR E 271 16.98 -11.57 11.41
CA TYR E 271 16.71 -11.03 10.09
C TYR E 271 15.25 -10.63 9.95
N VAL E 272 14.34 -11.49 10.42
CA VAL E 272 12.92 -11.19 10.34
C VAL E 272 12.56 -10.08 11.32
N ASN E 273 13.08 -10.15 12.54
CA ASN E 273 12.56 -9.33 13.65
C ASN E 273 13.32 -8.03 13.84
N LYS E 274 14.63 -8.11 14.11
CA LYS E 274 15.37 -6.96 14.60
C LYS E 274 16.15 -6.21 13.53
N ARG E 275 16.34 -6.80 12.36
CA ARG E 275 17.15 -6.17 11.31
C ARG E 275 16.33 -5.08 10.62
N THR E 276 16.77 -3.84 10.75
CA THR E 276 16.06 -2.66 10.26
C THR E 276 17.02 -1.79 9.48
N PRO E 277 16.51 -0.88 8.64
CA PRO E 277 17.39 0.08 7.96
C PRO E 277 18.17 0.95 8.92
N ARG E 278 17.72 1.10 10.16
CA ARG E 278 18.52 1.79 11.16
C ARG E 278 19.82 1.06 11.43
N ARG E 279 19.81 -0.28 11.35
CA ARG E 279 21.06 -1.02 11.49
C ARG E 279 21.99 -0.79 10.32
N ALA E 280 21.44 -0.68 9.11
CA ALA E 280 22.27 -0.33 7.96
C ALA E 280 22.89 1.05 8.15
N ALA E 281 22.10 2.01 8.64
CA ALA E 281 22.63 3.34 8.92
C ALA E 281 23.71 3.30 9.99
N ALA E 282 23.51 2.47 11.02
CA ALA E 282 24.52 2.33 12.06
C ALA E 282 25.81 1.74 11.51
N LEU E 283 25.70 0.74 10.62
CA LEU E 283 26.88 0.14 10.02
C LEU E 283 27.63 1.15 9.16
N ILE E 284 26.89 1.92 8.35
CA ILE E 284 27.52 2.96 7.53
C ILE E 284 28.21 3.99 8.41
N SER E 285 27.55 4.40 9.49
CA SER E 285 28.13 5.35 10.42
C SER E 285 29.40 4.80 11.04
N LEU E 286 29.42 3.52 11.39
CA LEU E 286 30.61 2.91 11.95
C LEU E 286 31.75 2.88 10.94
N THR E 287 31.46 2.57 9.68
CA THR E 287 32.51 2.58 8.66
C THR E 287 33.11 3.97 8.53
N TRP E 288 32.27 4.99 8.47
CA TRP E 288 32.79 6.35 8.33
C TRP E 288 33.51 6.80 9.61
N LEU E 289 33.04 6.36 10.77
CA LEU E 289 33.72 6.69 12.02
C LEU E 289 35.11 6.09 12.06
N ILE E 290 35.25 4.85 11.61
CA ILE E 290 36.58 4.24 11.52
C ILE E 290 37.43 5.00 10.50
N GLY E 291 36.81 5.44 9.40
CA GLY E 291 37.55 6.24 8.43
C GLY E 291 38.13 7.50 9.03
N PHE E 292 37.32 8.24 9.80
CA PHE E 292 37.85 9.41 10.51
C PHE E 292 38.90 9.01 11.54
N LEU E 293 38.64 7.95 12.31
CA LEU E 293 39.60 7.54 13.33
C LEU E 293 40.95 7.18 12.73
N ILE E 294 40.98 6.80 11.46
CA ILE E 294 42.26 6.51 10.81
C ILE E 294 42.83 7.74 10.11
N SER E 295 41.99 8.66 9.63
CA SER E 295 42.48 9.77 8.81
C SER E 295 42.73 11.06 9.59
N ILE E 296 42.23 11.19 10.81
CA ILE E 296 42.43 12.40 11.60
C ILE E 296 43.80 12.49 12.25
N PRO E 297 44.37 11.40 12.79
CA PRO E 297 45.68 11.53 13.48
C PRO E 297 46.76 12.15 12.63
N PRO E 298 46.86 11.86 11.32
CA PRO E 298 47.88 12.57 10.52
C PRO E 298 47.69 14.07 10.53
N MET E 299 46.45 14.56 10.50
CA MET E 299 46.22 15.99 10.62
C MET E 299 46.48 16.48 12.03
N LEU E 300 46.33 15.62 13.02
CA LEU E 300 46.63 15.94 14.42
C LEU E 300 48.10 15.63 14.69
N GLY E 301 48.48 15.62 15.97
CA GLY E 301 49.88 15.44 16.32
C GLY E 301 50.37 14.00 16.30
N TRP E 302 50.05 13.27 15.24
CA TRP E 302 50.59 11.94 15.01
C TRP E 302 51.25 11.85 13.64
N ARG E 303 51.71 12.98 13.11
CA ARG E 303 52.33 13.02 11.79
C ARG E 303 53.86 13.07 11.90
N PRO E 311 57.84 19.56 -0.07
CA PRO E 311 56.88 19.75 -1.17
C PRO E 311 57.15 18.83 -2.35
N ASP E 312 56.28 18.91 -3.37
CA ASP E 312 56.38 18.09 -4.58
C ASP E 312 56.19 16.61 -4.28
N ALA E 313 55.94 16.28 -3.02
CA ALA E 313 55.73 14.91 -2.59
C ALA E 313 54.65 14.91 -1.52
N CYS E 314 53.51 14.30 -1.82
CA CYS E 314 52.38 14.25 -0.91
C CYS E 314 52.22 12.79 -0.47
N THR E 315 52.71 12.48 0.73
CA THR E 315 52.77 11.10 1.21
C THR E 315 52.18 11.01 2.61
N ILE E 316 51.59 9.85 2.90
CA ILE E 316 51.04 9.59 4.22
C ILE E 316 52.17 9.53 5.25
N SER E 317 51.83 9.85 6.50
CA SER E 317 52.79 9.80 7.59
C SER E 317 53.39 8.41 7.73
N LYS E 318 54.68 8.27 7.49
CA LYS E 318 55.37 6.99 7.60
C LYS E 318 55.73 6.64 9.04
N ASP E 319 55.15 7.33 10.02
CA ASP E 319 55.42 7.02 11.41
C ASP E 319 55.06 5.56 11.71
N HIS E 320 55.93 4.88 12.44
CA HIS E 320 55.78 3.44 12.67
C HIS E 320 54.48 3.14 13.40
N GLY E 321 54.22 3.85 14.51
CA GLY E 321 52.99 3.63 15.23
C GLY E 321 51.77 3.91 14.40
N TYR E 322 51.77 5.04 13.68
CA TYR E 322 50.65 5.35 12.81
C TYR E 322 50.57 4.37 11.64
N THR E 323 51.71 3.90 11.14
CA THR E 323 51.68 2.91 10.08
C THR E 323 50.95 1.64 10.54
N ILE E 324 51.29 1.15 11.72
CA ILE E 324 50.62 -0.03 12.25
C ILE E 324 49.14 0.27 12.47
N TYR E 325 48.83 1.42 13.07
CA TYR E 325 47.46 1.72 13.45
C TYR E 325 46.56 1.93 12.24
N SER E 326 47.12 2.46 11.14
CA SER E 326 46.36 2.75 9.94
C SER E 326 46.34 1.60 8.94
N THR E 327 47.30 0.68 9.01
CA THR E 327 47.22 -0.48 8.13
C THR E 327 46.44 -1.61 8.79
N PHE E 328 46.57 -1.78 10.10
CA PHE E 328 45.79 -2.80 10.79
C PHE E 328 44.33 -2.38 10.88
N GLY E 329 44.08 -1.14 11.28
CA GLY E 329 42.72 -0.67 11.47
C GLY E 329 41.95 -0.47 10.18
N ALA E 330 42.64 -0.27 9.07
CA ALA E 330 41.96 -0.05 7.81
C ALA E 330 41.93 -1.26 6.90
N PHE E 331 42.93 -2.14 6.97
CA PHE E 331 42.93 -3.34 6.14
C PHE E 331 43.02 -4.63 6.93
N TYR E 332 43.98 -4.75 7.84
CA TYR E 332 44.30 -6.06 8.39
C TYR E 332 43.25 -6.55 9.39
N ILE E 333 42.79 -5.67 10.28
CA ILE E 333 41.60 -6.00 11.07
C ILE E 333 40.38 -6.20 10.18
N PRO E 334 40.09 -5.33 9.21
CA PRO E 334 39.01 -5.67 8.27
C PRO E 334 39.22 -6.95 7.49
N LEU E 335 40.46 -7.24 7.07
CA LEU E 335 40.70 -8.49 6.36
C LEU E 335 40.43 -9.68 7.25
N LEU E 336 40.86 -9.61 8.50
CA LEU E 336 40.59 -10.68 9.47
C LEU E 336 39.10 -10.85 9.68
N LEU E 337 38.38 -9.74 9.85
CA LEU E 337 36.94 -9.81 10.06
C LEU E 337 36.24 -10.41 8.85
N MET E 338 36.60 -9.96 7.65
CA MET E 338 35.95 -10.49 6.45
C MET E 338 36.27 -11.96 6.27
N LEU E 339 37.51 -12.38 6.55
CA LEU E 339 37.87 -13.78 6.46
C LEU E 339 37.05 -14.61 7.44
N VAL E 340 36.98 -14.18 8.70
CA VAL E 340 36.24 -14.93 9.70
C VAL E 340 34.75 -14.98 9.35
N LEU E 341 34.17 -13.84 9.00
CA LEU E 341 32.75 -13.76 8.71
C LEU E 341 32.38 -14.58 7.48
N TYR E 342 33.17 -14.48 6.42
CA TYR E 342 32.86 -15.22 5.21
C TYR E 342 33.21 -16.70 5.31
N GLY E 343 34.16 -17.08 6.18
CA GLY E 343 34.35 -18.49 6.47
C GLY E 343 33.20 -19.07 7.25
N ARG E 344 32.67 -18.32 8.22
CA ARG E 344 31.47 -18.74 8.92
C ARG E 344 30.29 -18.81 7.98
N ILE E 345 30.17 -17.84 7.07
CA ILE E 345 29.13 -17.85 6.05
C ILE E 345 29.29 -19.06 5.15
N PHE E 346 30.53 -19.39 4.79
CA PHE E 346 30.81 -20.55 3.96
C PHE E 346 30.38 -21.84 4.65
N ARG E 347 30.69 -21.97 5.94
CA ARG E 347 30.28 -23.17 6.65
C ARG E 347 28.77 -23.23 6.80
N ALA E 348 28.13 -22.08 7.05
CA ALA E 348 26.68 -22.06 7.16
C ALA E 348 26.01 -22.42 5.84
N ALA E 349 26.53 -21.90 4.74
CA ALA E 349 25.99 -22.22 3.42
C ALA E 349 26.22 -23.69 3.08
N ARG E 350 27.39 -24.22 3.40
CA ARG E 350 27.68 -25.63 3.15
C ARG E 350 26.76 -26.52 3.98
N PHE E 351 26.55 -26.17 5.24
CA PHE E 351 25.63 -26.91 6.09
C PHE E 351 24.20 -26.83 5.57
N ARG E 352 23.80 -25.67 5.06
CA ARG E 352 22.48 -25.53 4.46
C ARG E 352 22.35 -26.40 3.21
N ILE E 353 23.39 -26.46 2.39
CA ILE E 353 23.36 -27.29 1.20
C ILE E 353 23.26 -28.77 1.56
N ARG E 354 24.04 -29.22 2.53
CA ARG E 354 23.93 -30.61 2.98
C ARG E 354 22.61 -30.88 3.68
N LYS E 355 21.99 -29.88 4.30
CA LYS E 355 20.63 -30.05 4.79
C LYS E 355 19.66 -30.26 3.63
N THR E 356 19.87 -29.53 2.53
CA THR E 356 19.07 -29.75 1.33
C THR E 356 19.24 -31.18 0.82
N VAL E 357 20.48 -31.67 0.81
CA VAL E 357 20.72 -33.05 0.41
C VAL E 357 21.07 -33.90 1.63
N ALA E 456 16.29 -38.07 -9.37
CA ALA E 456 16.52 -38.03 -7.93
C ALA E 456 17.90 -37.47 -7.61
N GLU E 457 18.91 -37.96 -8.34
CA GLU E 457 20.27 -37.47 -8.15
C GLU E 457 20.45 -36.03 -8.63
N ALA E 458 19.47 -35.48 -9.35
CA ALA E 458 19.56 -34.08 -9.77
C ALA E 458 19.66 -33.15 -8.58
N LYS E 459 19.10 -33.55 -7.43
CA LYS E 459 19.29 -32.77 -6.20
C LYS E 459 20.73 -32.80 -5.74
N ARG E 460 21.40 -33.95 -5.88
CA ARG E 460 22.83 -34.01 -5.56
C ARG E 460 23.65 -33.12 -6.49
N LYS E 461 23.31 -33.14 -7.79
CA LYS E 461 24.01 -32.27 -8.73
C LYS E 461 23.75 -30.80 -8.43
N MET E 462 22.53 -30.46 -8.01
CA MET E 462 22.25 -29.08 -7.64
C MET E 462 22.96 -28.68 -6.35
N ALA E 463 23.10 -29.60 -5.41
CA ALA E 463 23.89 -29.31 -4.21
C ALA E 463 25.35 -29.07 -4.57
N LEU E 464 25.88 -29.86 -5.50
CA LEU E 464 27.24 -29.63 -5.99
C LEU E 464 27.36 -28.28 -6.68
N ALA E 465 26.38 -27.93 -7.51
CA ALA E 465 26.42 -26.64 -8.20
C ALA E 465 26.33 -25.49 -7.22
N ARG E 466 25.52 -25.63 -6.18
CA ARG E 466 25.45 -24.63 -5.12
C ARG E 466 26.78 -24.52 -4.38
N GLU E 467 27.43 -25.66 -4.14
CA GLU E 467 28.74 -25.66 -3.50
C GLU E 467 29.75 -24.86 -4.31
N ARG E 468 29.83 -25.13 -5.62
CA ARG E 468 30.76 -24.37 -6.45
C ARG E 468 30.33 -22.92 -6.60
N LYS E 469 29.02 -22.63 -6.59
CA LYS E 469 28.60 -21.23 -6.64
C LYS E 469 29.02 -20.47 -5.38
N THR E 470 28.88 -21.11 -4.22
CA THR E 470 29.36 -20.50 -2.98
C THR E 470 30.86 -20.28 -3.03
N VAL E 471 31.60 -21.27 -3.51
CA VAL E 471 33.05 -21.13 -3.61
C VAL E 471 33.42 -19.99 -4.55
N LYS E 472 32.77 -19.91 -5.71
CA LYS E 472 33.06 -18.87 -6.69
C LYS E 472 32.70 -17.49 -6.15
N THR E 473 31.56 -17.37 -5.47
CA THR E 473 31.14 -16.07 -4.96
C THR E 473 32.08 -15.57 -3.87
N LEU E 474 32.40 -16.43 -2.91
CA LEU E 474 33.36 -16.03 -1.89
C LEU E 474 34.72 -15.77 -2.48
N GLY E 475 35.11 -16.52 -3.50
CA GLY E 475 36.36 -16.26 -4.18
C GLY E 475 36.38 -14.90 -4.83
N ILE E 476 35.31 -14.55 -5.55
CA ILE E 476 35.25 -13.24 -6.19
C ILE E 476 35.34 -12.13 -5.14
N ILE E 477 34.51 -12.22 -4.10
CA ILE E 477 34.49 -11.19 -3.07
C ILE E 477 35.87 -11.04 -2.44
N MET E 478 36.34 -12.11 -1.79
CA MET E 478 37.56 -12.00 -1.00
C MET E 478 38.79 -11.83 -1.88
N GLY E 479 38.85 -12.51 -3.03
CA GLY E 479 39.98 -12.37 -3.90
C GLY E 479 40.09 -10.99 -4.53
N THR E 480 38.97 -10.39 -4.93
CA THR E 480 39.04 -9.03 -5.44
C THR E 480 39.51 -8.09 -4.35
N PHE E 481 38.90 -8.19 -3.16
CA PHE E 481 39.33 -7.33 -2.05
C PHE E 481 40.81 -7.51 -1.77
N ILE E 482 41.28 -8.75 -1.70
CA ILE E 482 42.66 -9.03 -1.34
C ILE E 482 43.62 -8.59 -2.44
N LEU E 483 43.40 -9.06 -3.66
CA LEU E 483 44.32 -8.74 -4.74
C LEU E 483 44.30 -7.25 -5.08
N CYS E 484 43.29 -6.52 -4.61
CA CYS E 484 43.33 -5.07 -4.76
C CYS E 484 44.06 -4.37 -3.63
N TRP E 485 43.75 -4.70 -2.37
CA TRP E 485 44.25 -3.90 -1.27
C TRP E 485 45.44 -4.52 -0.54
N LEU E 486 45.55 -5.85 -0.52
CA LEU E 486 46.65 -6.49 0.19
C LEU E 486 48.03 -6.10 -0.34
N PRO E 487 48.30 -6.01 -1.64
CA PRO E 487 49.61 -5.51 -2.07
C PRO E 487 49.92 -4.13 -1.50
N PHE E 488 48.94 -3.23 -1.53
CA PHE E 488 49.17 -1.89 -0.99
C PHE E 488 49.50 -1.94 0.48
N PHE E 489 48.81 -2.77 1.24
CA PHE E 489 49.01 -2.75 2.68
C PHE E 489 50.21 -3.56 3.12
N ILE E 490 50.61 -4.57 2.35
CA ILE E 490 51.92 -5.19 2.57
C ILE E 490 53.02 -4.16 2.38
N VAL E 491 52.94 -3.39 1.28
CA VAL E 491 53.95 -2.37 1.04
C VAL E 491 53.90 -1.30 2.12
N ALA E 492 52.69 -0.87 2.50
CA ALA E 492 52.50 0.20 3.46
C ALA E 492 52.84 -0.20 4.88
N LEU E 493 52.91 -1.50 5.16
CA LEU E 493 53.36 -1.95 6.46
C LEU E 493 54.85 -2.25 6.47
N VAL E 494 55.39 -2.75 5.36
CA VAL E 494 56.80 -3.17 5.33
C VAL E 494 57.70 -1.95 5.16
N LEU E 495 57.40 -1.08 4.20
CA LEU E 495 58.31 0.02 3.88
C LEU E 495 58.60 0.96 5.05
N PRO E 496 57.63 1.39 5.86
CA PRO E 496 57.97 2.25 7.00
C PRO E 496 58.92 1.61 7.99
N PHE E 497 58.98 0.28 8.04
CA PHE E 497 59.96 -0.41 8.87
C PHE E 497 61.16 -0.89 8.07
N CYS E 498 61.12 -0.78 6.75
CA CYS E 498 62.22 -1.19 5.89
C CYS E 498 62.67 -0.02 5.04
N GLU E 499 62.86 1.15 5.67
CA GLU E 499 63.06 2.39 4.92
C GLU E 499 64.27 2.29 4.00
N SER E 500 65.46 2.14 4.57
CA SER E 500 66.66 2.07 3.74
C SER E 500 66.90 0.67 3.17
N SER E 501 66.53 -0.37 3.93
CA SER E 501 66.79 -1.73 3.50
C SER E 501 65.90 -2.16 2.34
N CYS E 502 64.76 -1.50 2.15
CA CYS E 502 63.83 -1.84 1.07
C CYS E 502 63.62 -0.61 0.20
N HIS E 503 63.70 -0.80 -1.11
CA HIS E 503 63.49 0.26 -2.08
C HIS E 503 62.28 -0.07 -2.94
N MET E 504 61.42 0.93 -3.18
CA MET E 504 60.18 0.72 -3.90
C MET E 504 60.32 1.23 -5.32
N PRO E 505 60.31 0.37 -6.34
CA PRO E 505 60.29 0.86 -7.72
C PRO E 505 59.05 1.72 -7.97
N THR E 506 59.22 2.74 -8.81
CA THR E 506 58.11 3.67 -9.06
C THR E 506 56.96 2.98 -9.78
N LEU E 507 57.26 2.18 -10.80
CA LEU E 507 56.19 1.53 -11.56
C LEU E 507 55.40 0.57 -10.69
N LEU E 508 56.10 -0.29 -9.95
CA LEU E 508 55.41 -1.23 -9.08
C LEU E 508 54.66 -0.51 -7.96
N GLY E 509 55.27 0.53 -7.40
CA GLY E 509 54.60 1.29 -6.35
C GLY E 509 53.32 1.95 -6.83
N ALA E 510 53.35 2.50 -8.04
CA ALA E 510 52.15 3.15 -8.57
C ALA E 510 51.07 2.13 -8.91
N ILE E 511 51.46 1.00 -9.51
CA ILE E 511 50.48 -0.06 -9.78
C ILE E 511 49.86 -0.55 -8.49
N ILE E 512 50.67 -0.71 -7.45
CA ILE E 512 50.19 -1.17 -6.16
C ILE E 512 49.25 -0.15 -5.55
N ASN E 513 49.58 1.14 -5.67
CA ASN E 513 48.70 2.19 -5.16
C ASN E 513 47.37 2.20 -5.88
N TRP E 514 47.38 2.01 -7.19
CA TRP E 514 46.15 2.06 -7.97
C TRP E 514 45.38 0.75 -7.96
N LEU E 515 45.93 -0.32 -7.39
CA LEU E 515 45.14 -1.53 -7.19
C LEU E 515 43.97 -1.29 -6.23
N GLY E 516 44.20 -0.55 -5.14
CA GLY E 516 43.10 -0.23 -4.24
C GLY E 516 42.07 0.70 -4.86
N TYR E 517 42.53 1.65 -5.67
CA TYR E 517 41.59 2.50 -6.40
C TYR E 517 40.79 1.66 -7.39
N SER E 518 41.42 0.64 -7.98
CA SER E 518 40.69 -0.30 -8.79
C SER E 518 39.69 -1.09 -7.96
N ASN E 519 39.97 -1.30 -6.68
CA ASN E 519 38.95 -1.89 -5.81
C ASN E 519 37.75 -0.97 -5.66
N SER E 520 38.01 0.32 -5.52
CA SER E 520 36.90 1.28 -5.50
C SER E 520 36.14 1.25 -6.82
N LEU E 521 36.82 0.90 -7.91
CA LEU E 521 36.15 0.69 -9.20
C LEU E 521 35.32 -0.59 -9.21
N LEU E 522 35.86 -1.68 -8.65
CA LEU E 522 35.31 -3.01 -8.83
C LEU E 522 34.28 -3.41 -7.77
N ASN E 523 34.20 -2.67 -6.66
CA ASN E 523 33.18 -2.97 -5.65
C ASN E 523 31.77 -2.95 -6.21
N PRO E 524 31.35 -1.97 -7.03
CA PRO E 524 30.01 -2.06 -7.62
C PRO E 524 29.81 -3.29 -8.47
N VAL E 525 30.87 -3.78 -9.12
CA VAL E 525 30.73 -5.01 -9.90
C VAL E 525 30.46 -6.19 -8.98
N ILE E 526 31.25 -6.33 -7.91
CA ILE E 526 31.10 -7.47 -7.01
C ILE E 526 29.73 -7.44 -6.33
N TYR E 527 29.32 -6.27 -5.85
CA TYR E 527 28.18 -6.21 -4.95
C TYR E 527 26.90 -5.73 -5.62
N ALA E 528 26.99 -5.00 -6.73
CA ALA E 528 25.79 -4.49 -7.40
C ALA E 528 25.61 -5.10 -8.79
N TYR E 529 26.57 -4.96 -9.69
CA TYR E 529 26.35 -5.43 -11.05
C TYR E 529 26.31 -6.94 -11.15
N PHE E 530 26.85 -7.66 -10.18
CA PHE E 530 26.66 -9.11 -10.12
C PHE E 530 25.37 -9.50 -9.42
N ASN E 531 24.71 -8.56 -8.75
CA ASN E 531 23.44 -8.83 -8.10
C ASN E 531 22.34 -8.96 -9.15
N LYS E 532 21.49 -9.98 -9.00
CA LYS E 532 20.37 -10.13 -9.91
C LYS E 532 19.37 -8.99 -9.78
N ASP E 533 19.11 -8.55 -8.54
CA ASP E 533 18.14 -7.49 -8.32
C ASP E 533 18.61 -6.19 -8.96
N PHE E 534 19.89 -5.87 -8.83
CA PHE E 534 20.42 -4.67 -9.47
C PHE E 534 20.36 -4.78 -10.99
N GLN E 535 20.65 -5.97 -11.53
CA GLN E 535 20.56 -6.14 -12.98
C GLN E 535 19.15 -5.90 -13.47
N ASN E 536 18.15 -6.45 -12.77
CA ASN E 536 16.77 -6.23 -13.16
C ASN E 536 16.37 -4.77 -13.01
N ALA E 537 16.84 -4.10 -11.94
CA ALA E 537 16.50 -2.70 -11.74
C ALA E 537 17.17 -1.81 -12.79
N PHE E 538 18.34 -2.20 -13.28
CA PHE E 538 18.97 -1.46 -14.38
C PHE E 538 18.25 -1.73 -15.70
N LYS E 539 17.75 -2.95 -15.89
CA LYS E 539 16.92 -3.23 -17.06
C LYS E 539 15.66 -2.37 -17.05
N LYS E 540 15.02 -2.24 -15.88
CA LYS E 540 13.82 -1.43 -15.77
C LYS E 540 14.11 0.04 -16.08
N ILE E 541 15.24 0.54 -15.59
CA ILE E 541 15.63 1.92 -15.88
C ILE E 541 16.32 2.01 -17.23
C1 YLX F . 48.13 11.43 -4.15
C2 YLX F . 47.48 11.57 -2.78
C3 YLX F . 46.93 12.99 -2.53
C4 YLX F . 45.75 13.04 -3.49
N YLX F . 49.10 9.35 -3.29
C YLX F . 48.52 10.00 -4.37
O YLX F . 48.38 9.42 -5.43
C10 YLX F . 48.63 6.90 -3.43
C11 YLX F . 48.07 6.82 -2.02
C12 YLX F . 47.13 5.65 -1.83
C13 YLX F . 47.25 5.84 0.58
C14 YLX F . 46.45 6.11 1.82
C15 YLX F . 45.19 4.53 3.20
C16 YLX F . 45.89 4.07 5.30
C17 YLX F . 44.70 3.43 5.58
C18 YLX F . 43.79 3.39 4.56
C19 YLX F . 44.61 4.83 0.82
C20 YLX F . 45.48 4.60 -0.39
C5 YLX F . 45.16 11.63 -3.46
C6 YLX F . 46.16 10.76 -2.70
C7 YLX F . 48.47 11.14 -1.69
C8 YLX F . 49.22 9.88 -1.99
C9 YLX F . 49.66 7.99 -3.54
N1 YLX F . 46.36 5.75 -0.58
N2 YLX F . 45.41 5.10 2.01
N3 YLX F . 46.15 4.64 4.13
N4 YLX F . 43.99 3.93 3.36
O1 YLX F . 49.91 9.31 -1.17
C1 CLR G . 37.44 -18.96 -9.92
C2 CLR G . 36.44 -20.07 -9.65
C3 CLR G . 36.82 -20.75 -8.33
C4 CLR G . 36.68 -19.71 -7.21
C5 CLR G . 37.56 -18.54 -7.49
C6 CLR G . 38.29 -18.06 -6.50
C7 CLR G . 39.20 -16.90 -6.66
C8 CLR G . 38.72 -16.03 -7.81
C9 CLR G . 38.50 -16.85 -9.08
C10 CLR G . 37.39 -17.88 -8.83
C11 CLR G . 38.14 -15.96 -10.27
C12 CLR G . 39.13 -14.83 -10.49
C13 CLR G . 39.29 -14.02 -9.20
C14 CLR G . 39.79 -14.99 -8.12
C15 CLR G . 40.19 -14.06 -6.99
C16 CLR G . 40.87 -12.90 -7.72
C17 CLR G . 40.40 -12.96 -9.21
C18 CLR G . 37.96 -13.38 -8.76
C19 CLR G . 36.03 -17.20 -8.85
C20 CLR G . 39.93 -11.59 -9.72
C21 CLR G . 40.18 -11.47 -11.21
C22 CLR G . 40.64 -10.45 -8.97
C23 CLR G . 40.37 -9.14 -9.68
C24 CLR G . 41.19 -8.04 -9.05
C25 CLR G . 41.67 -7.07 -10.12
C26 CLR G . 42.45 -7.83 -11.18
C27 CLR G . 42.55 -5.99 -9.51
O1 CLR G . 35.93 -21.80 -8.14
C1 CLR H . 51.62 2.78 -13.27
C2 CLR H . 52.65 3.89 -13.28
C3 CLR H . 52.83 4.37 -14.70
C4 CLR H . 51.51 5.00 -15.14
C5 CLR H . 50.43 3.99 -15.06
C6 CLR H . 49.61 3.88 -16.09
C7 CLR H . 48.61 2.81 -16.19
C8 CLR H . 48.11 2.44 -14.79
C9 CLR H . 49.27 2.12 -13.85
C10 CLR H . 50.25 3.31 -13.75
C11 CLR H . 48.76 1.72 -12.48
C12 CLR H . 47.83 0.53 -12.54
C13 CLR H . 46.67 0.84 -13.49
C14 CLR H . 47.25 1.20 -14.88
C15 CLR H . 45.98 1.28 -15.72
C16 CLR H . 45.17 0.08 -15.22
C17 CLR H . 45.79 -0.35 -13.86
C18 CLR H . 45.82 1.99 -12.97
C19 CLR H . 49.72 4.34 -12.74
C20 CLR H . 44.74 -0.67 -12.78
C21 CLR H . 45.22 -1.77 -11.86
C22 CLR H . 43.39 -1.03 -13.41
C23 CLR H . 43.34 -2.53 -13.69
C24 CLR H . 42.00 -2.89 -14.26
C25 CLR H . 40.94 -2.80 -13.17
C26 CLR H . 39.58 -3.11 -13.77
C27 CLR H . 41.26 -3.79 -12.07
O1 CLR H . 53.83 5.34 -14.67
C1 T7M I . 27.05 -14.88 -9.23
O1 T7M I . 27.01 -15.38 -10.54
P1 T7M I . 27.35 -14.48 -11.90
C2 T7M I . 28.35 -14.11 -8.91
O2 T7M I . 29.40 -15.01 -9.11
C3 T7M I . 28.33 -13.71 -7.42
O3 T7M I . 29.47 -12.94 -7.17
C4 T7M I . 27.09 -12.79 -7.08
O4 T7M I . 27.08 -12.56 -5.77
P4 T7M I . 26.47 -10.98 -5.12
C5 T7M I . 25.80 -13.64 -7.45
O5 T7M I . 24.71 -12.82 -7.18
C6 T7M I . 25.79 -13.99 -8.94
O6 T7M I . 25.84 -12.86 -9.76
C7 T7M I . 29.73 -13.55 -12.57
C8 T7M I . 30.37 -14.11 -13.84
C9 T7M I . 29.71 -13.51 -15.10
C10 T7M I . 32.60 -14.89 -13.87
C11 T7M I . 27.94 -11.98 -15.19
O11 T7M I . 27.10 -13.04 -11.62
C12 T7M I . 33.97 -14.64 -13.28
O12 T7M I . 26.93 -15.19 -13.15
O13 T7M I . 29.06 -14.57 -11.95
O16 T7M I . 31.76 -13.82 -13.89
O17 T7M I . 32.25 -15.98 -14.30
O18 T7M I . 28.35 -13.23 -14.85
O19 T7M I . 27.36 -11.30 -14.34
C31 T7M I . 28.25 -11.53 -16.60
O41 T7M I . 25.00 -11.27 -4.90
O42 T7M I . 27.37 -10.88 -3.90
O43 T7M I . 26.81 -10.04 -6.25
#